data_7M92
#
_entry.id   7M92
#
_cell.length_a   52.263
_cell.length_b   111.925
_cell.length_c   124.207
_cell.angle_alpha   90.000
_cell.angle_beta   90.000
_cell.angle_gamma   90.000
#
_symmetry.space_group_name_H-M   'P 21 21 21'
#
loop_
_entity.id
_entity.type
_entity.pdbx_description
1 polymer 'Homoserine dehydrogenase'
2 water water
#
_entity_poly.entity_id   1
_entity_poly.type   'polypeptide(L)'
_entity_poly.pdbx_seq_one_letter_code
;MSKSVNVAIIGAGVVSSAFINQLANLKAPVAFKVVYLARSSKEAVFSKDYSAVDLKNYKTAPAQAVLPLDELTSYLTAAK
RPTILVDNTSNSSIADFYPKFVEAGISIATPNKKAFSSDLATWNDIFKKSAAANGGLVYHEATVGAGLPIIGPLRDLVLT
GDKVEKIEGILSGSLSYVFNTLSTSEKSDKKFSDVVKVAKDLGYLERDPRDDLNGMDFARKVTILARIAGFEVESPNSFA
VDSLVPQPLESLATGAEFLEKLPEYDNDFQKRKDDALAENKVLRYVGQVDFKANKVSVGIAKYDFDHPFASLKGSDNVVS
IKTERYPNPLIIQGAGAGAEVTAHGVLADAIKIAERIAN
;
_entity_poly.pdbx_strand_id   A,B
#
# COMPACT_ATOMS: atom_id res chain seq x y z
N SER A 2 17.83 18.96 -9.05
CA SER A 2 19.15 19.44 -8.65
C SER A 2 19.92 18.36 -7.89
N LYS A 3 19.23 17.67 -6.98
CA LYS A 3 19.84 16.58 -6.26
C LYS A 3 20.08 15.38 -7.19
N SER A 4 21.07 14.57 -6.84
CA SER A 4 21.50 13.50 -7.74
C SER A 4 22.04 12.32 -6.94
N VAL A 5 21.91 11.13 -7.53
CA VAL A 5 22.51 9.91 -7.01
C VAL A 5 23.12 9.14 -8.17
N ASN A 6 24.12 8.32 -7.85
CA ASN A 6 24.69 7.38 -8.82
C ASN A 6 23.95 6.06 -8.75
N VAL A 7 23.83 5.40 -9.90
CA VAL A 7 23.08 4.16 -10.01
C VAL A 7 23.94 3.13 -10.72
N ALA A 8 24.02 1.93 -10.15
CA ALA A 8 24.63 0.77 -10.79
C ALA A 8 23.53 -0.28 -10.98
N ILE A 9 23.31 -0.69 -12.23
CA ILE A 9 22.26 -1.63 -12.58
C ILE A 9 22.90 -2.94 -12.98
N ILE A 10 22.54 -4.01 -12.27
CA ILE A 10 22.96 -5.37 -12.62
C ILE A 10 21.69 -6.13 -12.97
N GLY A 11 21.43 -6.30 -14.27
CA GLY A 11 20.23 -6.95 -14.73
C GLY A 11 20.53 -8.02 -15.78
N ALA A 12 19.45 -8.59 -16.30
CA ALA A 12 19.56 -9.66 -17.29
C ALA A 12 18.34 -9.71 -18.20
N GLY A 13 17.19 -10.06 -17.67
CA GLY A 13 16.01 -10.34 -18.45
C GLY A 13 15.09 -9.15 -18.65
N VAL A 14 13.81 -9.46 -18.89
CA VAL A 14 12.84 -8.43 -19.23
C VAL A 14 12.52 -7.51 -18.05
N VAL A 15 12.71 -7.99 -16.81
CA VAL A 15 12.54 -7.12 -15.65
C VAL A 15 13.58 -5.99 -15.69
N SER A 16 14.83 -6.33 -16.02
CA SER A 16 15.86 -5.31 -16.15
C SER A 16 15.59 -4.41 -17.34
N SER A 17 15.06 -4.97 -18.43
CA SER A 17 14.75 -4.16 -19.60
C SER A 17 13.61 -3.19 -19.33
N ALA A 18 12.57 -3.66 -18.63
CA ALA A 18 11.48 -2.77 -18.26
C ALA A 18 11.92 -1.73 -17.24
N PHE A 19 12.86 -2.08 -16.36
CA PHE A 19 13.34 -1.13 -15.35
C PHE A 19 14.11 0.01 -16.01
N ILE A 20 15.02 -0.33 -16.93
CA ILE A 20 15.82 0.71 -17.59
C ILE A 20 14.92 1.65 -18.38
N ASN A 21 13.91 1.11 -19.05
CA ASN A 21 13.02 1.94 -19.86
C ASN A 21 12.19 2.88 -18.98
N GLN A 22 11.63 2.37 -17.88
CA GLN A 22 10.92 3.24 -16.96
C GLN A 22 11.85 4.26 -16.33
N LEU A 23 13.10 3.85 -16.06
CA LEU A 23 14.08 4.78 -15.50
C LEU A 23 14.45 5.86 -16.50
N ALA A 24 14.58 5.50 -17.78
CA ALA A 24 14.95 6.49 -18.80
C ALA A 24 13.86 7.52 -19.01
N ASN A 25 12.59 7.12 -18.88
CA ASN A 25 11.46 8.03 -19.06
C ASN A 25 11.00 8.66 -17.76
N LEU A 26 11.76 8.51 -16.68
CA LEU A 26 11.33 8.98 -15.37
C LEU A 26 11.43 10.50 -15.28
N LYS A 27 10.36 11.13 -14.81
CA LYS A 27 10.30 12.57 -14.57
C LYS A 27 10.08 12.78 -13.08
N ALA A 28 11.16 12.99 -12.35
CA ALA A 28 11.14 13.03 -10.89
C ALA A 28 12.02 14.18 -10.40
N PRO A 29 11.83 14.60 -9.15
CA PRO A 29 12.73 15.66 -8.62
C PRO A 29 14.18 15.24 -8.53
N VAL A 30 14.46 14.12 -7.85
CA VAL A 30 15.84 13.65 -7.74
C VAL A 30 16.29 13.08 -9.08
N ALA A 31 17.47 13.48 -9.53
CA ALA A 31 18.02 12.99 -10.79
C ALA A 31 18.85 11.73 -10.55
N PHE A 32 18.73 10.78 -11.47
CA PHE A 32 19.47 9.54 -11.42
C PHE A 32 20.55 9.54 -12.50
N LYS A 33 21.76 9.14 -12.12
CA LYS A 33 22.88 9.06 -13.05
C LYS A 33 23.42 7.63 -13.02
N VAL A 34 23.20 6.88 -14.09
CA VAL A 34 23.67 5.51 -14.19
C VAL A 34 25.15 5.53 -14.56
N VAL A 35 25.98 4.96 -13.70
CA VAL A 35 27.42 4.89 -13.95
C VAL A 35 27.90 3.47 -14.25
N TYR A 36 27.08 2.45 -13.98
CA TYR A 36 27.46 1.07 -14.22
C TYR A 36 26.22 0.30 -14.63
N LEU A 37 26.31 -0.44 -15.73
CA LEU A 37 25.16 -1.18 -16.25
C LEU A 37 25.67 -2.48 -16.85
N ALA A 38 25.40 -3.60 -16.19
CA ALA A 38 25.77 -4.92 -16.68
C ALA A 38 24.64 -5.45 -17.56
N ARG A 39 24.92 -5.61 -18.86
CA ARG A 39 23.88 -6.09 -19.77
C ARG A 39 23.63 -7.58 -19.58
N SER A 40 24.70 -8.37 -19.51
CA SER A 40 24.59 -9.80 -19.31
C SER A 40 25.49 -10.20 -18.14
N SER A 41 25.78 -11.49 -18.03
CA SER A 41 26.70 -11.99 -17.00
C SER A 41 28.16 -11.80 -17.37
N LYS A 42 28.45 -11.21 -18.54
CA LYS A 42 29.83 -11.04 -18.99
C LYS A 42 30.16 -9.62 -19.45
N GLU A 43 29.17 -8.81 -19.83
CA GLU A 43 29.43 -7.47 -20.33
C GLU A 43 28.81 -6.42 -19.41
N ALA A 44 29.48 -5.27 -19.32
CA ALA A 44 29.01 -4.15 -18.53
C ALA A 44 29.46 -2.86 -19.18
N VAL A 45 28.62 -1.84 -19.10
CA VAL A 45 28.88 -0.53 -19.69
C VAL A 45 29.19 0.45 -18.57
N PHE A 46 30.39 1.03 -18.60
CA PHE A 46 30.80 2.02 -17.62
C PHE A 46 32.06 2.72 -18.13
N SER A 47 32.29 3.92 -17.60
CA SER A 47 33.44 4.73 -17.97
C SER A 47 34.33 4.94 -16.75
N LYS A 48 35.61 5.20 -17.01
CA LYS A 48 36.55 5.44 -15.91
C LYS A 48 36.27 6.75 -15.19
N ASP A 49 35.69 7.73 -15.89
CA ASP A 49 35.38 9.03 -15.30
C ASP A 49 33.93 9.11 -14.81
N TYR A 50 33.26 7.97 -14.67
CA TYR A 50 31.89 7.90 -14.15
C TYR A 50 30.92 8.69 -15.02
N SER A 51 31.17 8.73 -16.33
CA SER A 51 30.23 9.38 -17.24
C SER A 51 28.90 8.64 -17.24
N ALA A 52 27.83 9.38 -17.46
CA ALA A 52 26.48 8.81 -17.43
C ALA A 52 26.30 7.84 -18.59
N VAL A 53 25.79 6.65 -18.28
CA VAL A 53 25.50 5.66 -19.30
C VAL A 53 24.23 6.07 -20.03
N ASP A 54 24.33 6.26 -21.34
CA ASP A 54 23.16 6.59 -22.15
C ASP A 54 22.21 5.40 -22.16
N LEU A 55 21.08 5.54 -21.46
CA LEU A 55 20.11 4.45 -21.40
C LEU A 55 19.40 4.22 -22.72
N LYS A 56 19.47 5.18 -23.65
CA LYS A 56 18.80 5.01 -24.93
C LYS A 56 19.58 4.08 -25.85
N ASN A 57 20.89 3.96 -25.66
CA ASN A 57 21.73 3.19 -26.57
C ASN A 57 22.72 2.30 -25.82
N TYR A 58 22.38 1.87 -24.60
CA TYR A 58 23.28 1.04 -23.84
C TYR A 58 23.49 -0.34 -24.48
N LYS A 59 22.59 -0.75 -25.37
CA LYS A 59 22.70 -2.09 -25.95
C LYS A 59 23.79 -2.16 -27.01
N THR A 60 24.10 -1.04 -27.66
CA THR A 60 25.18 -0.99 -28.65
C THR A 60 26.40 -0.23 -28.16
N ALA A 61 26.38 0.27 -26.92
CA ALA A 61 27.50 1.02 -26.40
C ALA A 61 28.72 0.12 -26.21
N PRO A 62 29.93 0.68 -26.22
CA PRO A 62 31.12 -0.13 -25.97
C PRO A 62 31.07 -0.77 -24.58
N ALA A 63 31.31 -2.07 -24.55
CA ALA A 63 31.20 -2.85 -23.32
C ALA A 63 32.53 -3.48 -22.96
N GLN A 64 32.69 -3.77 -21.67
CA GLN A 64 33.88 -4.40 -21.13
C GLN A 64 33.46 -5.62 -20.32
N ALA A 65 34.46 -6.33 -19.79
CA ALA A 65 34.16 -7.44 -18.88
C ALA A 65 33.54 -6.91 -17.60
N VAL A 66 32.64 -7.71 -17.02
CA VAL A 66 31.93 -7.30 -15.82
C VAL A 66 32.92 -7.16 -14.66
N LEU A 67 32.79 -6.07 -13.93
CA LEU A 67 33.62 -5.88 -12.74
C LEU A 67 33.22 -6.89 -11.68
N PRO A 68 34.17 -7.62 -11.09
CA PRO A 68 33.84 -8.46 -9.94
C PRO A 68 33.27 -7.63 -8.81
N LEU A 69 32.49 -8.29 -7.95
CA LEU A 69 31.77 -7.58 -6.90
C LEU A 69 32.72 -6.83 -5.97
N ASP A 70 33.91 -7.37 -5.73
CA ASP A 70 34.90 -6.64 -4.95
C ASP A 70 35.32 -5.35 -5.65
N GLU A 71 35.60 -5.44 -6.95
CA GLU A 71 36.07 -4.28 -7.69
C GLU A 71 34.93 -3.33 -8.05
N LEU A 72 33.71 -3.84 -8.19
CA LEU A 72 32.56 -2.96 -8.40
C LEU A 72 32.32 -2.09 -7.17
N THR A 73 32.46 -2.66 -5.98
CA THR A 73 32.27 -1.89 -4.75
C THR A 73 33.25 -0.73 -4.68
N SER A 74 34.54 -1.00 -4.89
CA SER A 74 35.54 0.05 -4.84
C SER A 74 35.34 1.06 -5.96
N TYR A 75 34.92 0.58 -7.13
CA TYR A 75 34.63 1.49 -8.25
C TYR A 75 33.52 2.46 -7.87
N LEU A 76 32.42 1.95 -7.31
CA LEU A 76 31.31 2.83 -6.93
C LEU A 76 31.67 3.74 -5.78
N THR A 77 32.52 3.27 -4.85
CA THR A 77 32.88 4.10 -3.70
C THR A 77 33.77 5.27 -4.12
N ALA A 78 34.64 5.07 -5.10
CA ALA A 78 35.58 6.10 -5.50
C ALA A 78 34.91 7.30 -6.17
N ALA A 79 33.64 7.17 -6.58
CA ALA A 79 32.95 8.31 -7.18
C ALA A 79 32.58 9.39 -6.16
N LYS A 80 32.56 9.04 -4.87
CA LYS A 80 32.26 9.99 -3.80
C LYS A 80 30.88 10.61 -3.97
N ARG A 81 29.91 9.78 -4.37
CA ARG A 81 28.52 10.19 -4.52
C ARG A 81 27.63 9.16 -3.85
N PRO A 82 26.43 9.57 -3.42
CA PRO A 82 25.46 8.59 -2.93
C PRO A 82 25.01 7.68 -4.06
N THR A 83 25.19 6.37 -3.87
CA THR A 83 24.94 5.40 -4.92
C THR A 83 23.87 4.40 -4.49
N ILE A 84 23.09 3.95 -5.48
CA ILE A 84 22.09 2.91 -5.31
C ILE A 84 22.48 1.73 -6.19
N LEU A 85 22.45 0.53 -5.62
CA LEU A 85 22.66 -0.69 -6.37
C LEU A 85 21.30 -1.30 -6.69
N VAL A 86 21.04 -1.54 -7.97
CA VAL A 86 19.79 -2.15 -8.43
C VAL A 86 20.12 -3.56 -8.90
N ASP A 87 19.72 -4.55 -8.11
CA ASP A 87 20.00 -5.97 -8.40
C ASP A 87 18.74 -6.57 -9.02
N ASN A 88 18.63 -6.46 -10.35
CA ASN A 88 17.50 -7.00 -11.10
C ASN A 88 17.72 -8.44 -11.53
N THR A 89 18.40 -9.24 -10.72
CA THR A 89 18.61 -10.66 -11.00
C THR A 89 17.97 -11.48 -9.88
N SER A 90 18.18 -12.80 -9.94
CA SER A 90 17.91 -13.70 -8.83
C SER A 90 19.17 -14.46 -8.46
N ASN A 91 20.32 -13.84 -8.68
CA ASN A 91 21.61 -14.49 -8.52
C ASN A 91 21.92 -14.67 -7.04
N SER A 92 22.19 -15.91 -6.64
CA SER A 92 22.54 -16.19 -5.26
C SER A 92 23.91 -15.63 -4.91
N SER A 93 24.82 -15.56 -5.89
CA SER A 93 26.16 -15.04 -5.62
C SER A 93 26.11 -13.54 -5.33
N ILE A 94 25.36 -12.78 -6.14
CA ILE A 94 25.24 -11.34 -5.92
C ILE A 94 24.56 -11.07 -4.58
N ALA A 95 23.55 -11.88 -4.25
CA ALA A 95 22.86 -11.70 -2.97
C ALA A 95 23.78 -11.97 -1.79
N ASP A 96 24.75 -12.87 -1.96
CA ASP A 96 25.72 -13.13 -0.90
C ASP A 96 26.63 -11.94 -0.62
N PHE A 97 26.68 -10.96 -1.53
CA PHE A 97 27.54 -9.80 -1.38
C PHE A 97 26.82 -8.59 -0.81
N TYR A 98 25.53 -8.71 -0.49
CA TYR A 98 24.80 -7.58 0.08
C TYR A 98 25.43 -6.98 1.33
N PRO A 99 25.93 -7.76 2.31
CA PRO A 99 26.53 -7.12 3.49
C PRO A 99 27.72 -6.23 3.14
N LYS A 100 28.53 -6.63 2.17
CA LYS A 100 29.65 -5.80 1.77
C LYS A 100 29.17 -4.47 1.16
N PHE A 101 28.15 -4.54 0.30
CA PHE A 101 27.59 -3.33 -0.28
C PHE A 101 27.08 -2.38 0.80
N VAL A 102 26.40 -2.92 1.81
CA VAL A 102 25.76 -2.08 2.82
C VAL A 102 26.80 -1.34 3.64
N GLU A 103 27.87 -2.02 4.05
CA GLU A 103 28.90 -1.37 4.85
C GLU A 103 29.55 -0.22 4.09
N ALA A 104 29.79 -0.40 2.79
CA ALA A 104 30.43 0.62 1.96
C ALA A 104 29.49 1.79 1.64
N GLY A 105 28.32 1.88 2.26
CA GLY A 105 27.42 2.98 2.01
C GLY A 105 26.60 2.88 0.74
N ILE A 106 26.58 1.72 0.10
CA ILE A 106 25.80 1.51 -1.12
C ILE A 106 24.41 1.04 -0.75
N SER A 107 23.39 1.73 -1.25
CA SER A 107 22.01 1.34 -1.03
C SER A 107 21.58 0.32 -2.08
N ILE A 108 20.59 -0.50 -1.72
CA ILE A 108 20.15 -1.60 -2.55
C ILE A 108 18.63 -1.52 -2.74
N ALA A 109 18.20 -1.61 -4.00
CA ALA A 109 16.80 -1.79 -4.36
C ALA A 109 16.74 -2.99 -5.28
N THR A 110 15.97 -4.01 -4.90
CA THR A 110 16.08 -5.29 -5.58
C THR A 110 14.76 -6.04 -5.55
N PRO A 111 14.45 -6.79 -6.61
CA PRO A 111 13.41 -7.82 -6.53
C PRO A 111 13.96 -9.19 -6.16
N ASN A 112 15.27 -9.33 -6.07
CA ASN A 112 15.89 -10.60 -5.70
C ASN A 112 15.62 -10.91 -4.24
N LYS A 113 15.09 -12.10 -3.96
CA LYS A 113 14.76 -12.50 -2.60
C LYS A 113 15.69 -13.59 -2.07
N LYS A 114 16.84 -13.78 -2.70
CA LYS A 114 17.80 -14.79 -2.22
C LYS A 114 18.36 -14.40 -0.85
N ALA A 115 18.75 -13.14 -0.69
CA ALA A 115 19.38 -12.70 0.55
C ALA A 115 18.39 -12.52 1.69
N PHE A 116 17.10 -12.38 1.39
CA PHE A 116 16.08 -12.20 2.41
C PHE A 116 15.37 -13.49 2.79
N SER A 117 15.57 -14.56 2.03
CA SER A 117 14.97 -15.85 2.33
C SER A 117 16.05 -16.93 2.49
N SER A 118 17.23 -16.54 2.96
CA SER A 118 18.27 -17.51 3.30
C SER A 118 18.16 -17.86 4.77
N ASP A 119 19.30 -18.03 5.44
CA ASP A 119 19.28 -18.26 6.87
C ASP A 119 18.90 -16.98 7.61
N LEU A 120 18.40 -17.15 8.84
CA LEU A 120 18.01 -16.01 9.65
C LEU A 120 19.20 -15.10 9.97
N ALA A 121 20.40 -15.69 10.09
CA ALA A 121 21.58 -14.90 10.41
C ALA A 121 21.88 -13.89 9.31
N THR A 122 21.77 -14.30 8.05
CA THR A 122 21.99 -13.36 6.95
C THR A 122 20.98 -12.23 6.98
N TRP A 123 19.70 -12.56 7.24
CA TRP A 123 18.67 -11.52 7.36
C TRP A 123 19.04 -10.49 8.42
N ASN A 124 19.38 -10.97 9.63
CA ASN A 124 19.77 -10.05 10.70
C ASN A 124 21.03 -9.28 10.35
N ASP A 125 21.93 -9.89 9.58
CA ASP A 125 23.19 -9.24 9.25
C ASP A 125 22.99 -8.06 8.29
N ILE A 126 22.10 -8.22 7.31
CA ILE A 126 21.87 -7.16 6.33
C ILE A 126 21.36 -5.89 7.02
N PHE A 127 20.27 -6.02 7.77
CA PHE A 127 19.60 -4.85 8.32
C PHE A 127 20.30 -4.28 9.55
N LYS A 128 21.11 -5.07 10.24
CA LYS A 128 21.93 -4.52 11.32
C LYS A 128 23.00 -3.59 10.76
N LYS A 129 23.64 -3.99 9.67
CA LYS A 129 24.61 -3.11 9.01
C LYS A 129 23.91 -1.97 8.29
N SER A 130 22.66 -2.17 7.86
CA SER A 130 21.90 -1.08 7.27
C SER A 130 21.52 -0.03 8.30
N ALA A 131 21.20 -0.47 9.52
CA ALA A 131 20.87 0.47 10.58
C ALA A 131 22.09 1.19 11.13
N ALA A 132 23.28 0.61 10.96
CA ALA A 132 24.50 1.25 11.45
C ALA A 132 24.73 2.57 10.73
N ALA A 133 25.59 3.39 11.33
CA ALA A 133 25.91 4.69 10.76
C ALA A 133 26.55 4.52 9.38
N ASN A 134 26.10 5.32 8.42
CA ASN A 134 26.58 5.32 7.04
C ASN A 134 26.29 4.01 6.32
N GLY A 135 25.50 3.12 6.92
CA GLY A 135 25.12 1.90 6.24
C GLY A 135 24.10 2.17 5.14
N GLY A 136 24.21 1.41 4.05
CA GLY A 136 23.30 1.60 2.94
C GLY A 136 21.88 1.18 3.29
N LEU A 137 20.92 1.79 2.58
CA LEU A 137 19.53 1.44 2.76
C LEU A 137 19.16 0.24 1.91
N VAL A 138 18.23 -0.58 2.41
CA VAL A 138 17.84 -1.82 1.76
C VAL A 138 16.32 -1.80 1.58
N TYR A 139 15.87 -1.56 0.36
CA TYR A 139 14.45 -1.58 0.01
C TYR A 139 14.20 -2.75 -0.93
N HIS A 140 13.20 -3.58 -0.60
CA HIS A 140 12.97 -4.82 -1.34
C HIS A 140 11.48 -5.09 -1.50
N GLU A 141 10.71 -4.06 -1.86
CA GLU A 141 9.27 -4.22 -1.99
C GLU A 141 8.91 -5.22 -3.09
N ALA A 142 9.70 -5.27 -4.16
CA ALA A 142 9.36 -6.14 -5.30
C ALA A 142 9.60 -7.62 -5.03
N THR A 143 10.13 -7.99 -3.86
CA THR A 143 10.38 -9.39 -3.58
C THR A 143 9.11 -10.15 -3.21
N VAL A 144 8.05 -9.46 -2.82
CA VAL A 144 6.78 -10.08 -2.46
C VAL A 144 5.67 -9.31 -3.16
N GLY A 145 4.98 -9.97 -4.09
CA GLY A 145 3.88 -9.36 -4.79
C GLY A 145 4.24 -8.34 -5.84
N ALA A 146 5.50 -8.34 -6.31
CA ALA A 146 5.99 -7.40 -7.32
C ALA A 146 5.71 -5.98 -6.83
N GLY A 147 5.09 -5.12 -7.63
CA GLY A 147 4.82 -3.75 -7.24
C GLY A 147 3.67 -3.54 -6.27
N LEU A 148 2.98 -4.60 -5.86
CA LEU A 148 1.90 -4.45 -4.90
C LEU A 148 2.43 -3.90 -3.59
N PRO A 149 1.71 -2.99 -2.93
CA PRO A 149 2.18 -2.41 -1.66
C PRO A 149 1.93 -3.34 -0.47
N ILE A 150 2.86 -4.28 -0.27
CA ILE A 150 2.75 -5.29 0.78
C ILE A 150 3.83 -5.09 1.83
N ILE A 151 5.10 -5.09 1.43
CA ILE A 151 6.19 -5.00 2.39
C ILE A 151 6.24 -3.63 3.05
N GLY A 152 6.09 -2.57 2.26
CA GLY A 152 6.08 -1.22 2.78
C GLY A 152 5.04 -1.00 3.87
N PRO A 153 3.76 -1.17 3.53
CA PRO A 153 2.71 -1.00 4.56
C PRO A 153 2.87 -1.94 5.74
N LEU A 154 3.45 -3.13 5.55
CA LEU A 154 3.64 -4.04 6.66
C LEU A 154 4.74 -3.56 7.61
N ARG A 155 5.78 -2.94 7.07
CA ARG A 155 6.85 -2.43 7.93
C ARG A 155 6.37 -1.22 8.73
N ASP A 156 5.56 -0.36 8.11
CA ASP A 156 4.99 0.77 8.84
C ASP A 156 4.11 0.29 9.98
N LEU A 157 3.40 -0.83 9.79
CA LEU A 157 2.58 -1.41 10.85
C LEU A 157 3.43 -1.81 12.04
N VAL A 158 4.54 -2.51 11.78
CA VAL A 158 5.40 -2.99 12.86
C VAL A 158 6.12 -1.81 13.52
N LEU A 159 6.52 -0.81 12.73
CA LEU A 159 7.32 0.28 13.27
C LEU A 159 6.50 1.15 14.23
N THR A 160 5.23 1.38 13.93
CA THR A 160 4.42 2.27 14.76
C THR A 160 3.80 1.58 15.97
N GLY A 161 4.02 0.28 16.15
CA GLY A 161 3.62 -0.41 17.35
C GLY A 161 2.49 -1.42 17.19
N ASP A 162 1.94 -1.59 15.99
CA ASP A 162 0.88 -2.58 15.79
C ASP A 162 1.46 -3.98 15.90
N LYS A 163 0.61 -4.93 16.30
CA LYS A 163 1.01 -6.32 16.49
C LYS A 163 0.22 -7.20 15.53
N VAL A 164 0.91 -7.84 14.60
CA VAL A 164 0.27 -8.68 13.59
C VAL A 164 0.07 -10.08 14.17
N GLU A 165 -1.12 -10.63 13.95
CA GLU A 165 -1.46 -11.96 14.43
C GLU A 165 -1.71 -12.99 13.35
N LYS A 166 -2.02 -12.56 12.12
CA LYS A 166 -2.38 -13.50 11.06
C LYS A 166 -2.08 -12.89 9.71
N ILE A 167 -1.28 -13.59 8.90
CA ILE A 167 -1.00 -13.20 7.53
C ILE A 167 -1.38 -14.38 6.63
N GLU A 168 -2.34 -14.16 5.73
CA GLU A 168 -2.72 -15.14 4.73
C GLU A 168 -2.52 -14.52 3.36
N GLY A 169 -2.08 -15.34 2.40
CA GLY A 169 -1.83 -14.80 1.07
C GLY A 169 -1.62 -15.80 -0.04
N ILE A 170 -2.11 -15.44 -1.23
CA ILE A 170 -1.76 -16.11 -2.48
C ILE A 170 -0.66 -15.27 -3.12
N LEU A 171 0.58 -15.71 -3.00
CA LEU A 171 1.74 -14.93 -3.41
C LEU A 171 2.43 -15.47 -4.64
N SER A 172 1.81 -16.41 -5.35
CA SER A 172 2.35 -16.98 -6.58
C SER A 172 1.35 -16.79 -7.70
N GLY A 173 1.74 -16.04 -8.73
CA GLY A 173 0.83 -15.80 -9.84
C GLY A 173 0.49 -17.07 -10.61
N SER A 174 1.49 -17.91 -10.85
CA SER A 174 1.25 -19.13 -11.61
C SER A 174 0.34 -20.09 -10.87
N LEU A 175 0.58 -20.28 -9.57
CA LEU A 175 -0.25 -21.19 -8.78
C LEU A 175 -1.61 -20.61 -8.48
N SER A 176 -1.73 -19.28 -8.43
CA SER A 176 -3.05 -18.66 -8.31
C SER A 176 -3.89 -18.94 -9.55
N TYR A 177 -3.28 -18.89 -10.73
CA TYR A 177 -4.00 -19.18 -11.96
C TYR A 177 -4.48 -20.62 -11.98
N VAL A 178 -3.65 -21.55 -11.50
CA VAL A 178 -4.01 -22.97 -11.56
C VAL A 178 -5.24 -23.24 -10.71
N PHE A 179 -5.28 -22.69 -9.49
CA PHE A 179 -6.39 -23.00 -8.58
C PHE A 179 -7.63 -22.16 -8.86
N ASN A 180 -7.47 -20.94 -9.39
CA ASN A 180 -8.64 -20.15 -9.74
C ASN A 180 -9.34 -20.73 -10.96
N THR A 181 -8.58 -21.30 -11.90
CA THR A 181 -9.18 -21.95 -13.06
C THR A 181 -9.79 -23.30 -12.71
N LEU A 182 -9.29 -23.93 -11.65
CA LEU A 182 -9.63 -25.31 -11.33
C LEU A 182 -10.73 -25.45 -10.28
N SER A 183 -10.76 -24.55 -9.29
CA SER A 183 -11.67 -24.69 -8.16
C SER A 183 -12.46 -23.41 -8.00
N THR A 184 -13.74 -23.45 -8.35
CA THR A 184 -14.68 -22.36 -8.14
C THR A 184 -15.85 -22.88 -7.31
N SER A 185 -16.88 -22.04 -7.17
CA SER A 185 -18.06 -22.41 -6.39
C SER A 185 -19.04 -23.26 -7.17
N GLU A 186 -18.76 -23.57 -8.44
CA GLU A 186 -19.63 -24.40 -9.25
C GLU A 186 -18.98 -25.76 -9.50
N LYS A 187 -19.81 -26.72 -9.90
CA LYS A 187 -19.33 -28.05 -10.23
C LYS A 187 -18.46 -27.98 -11.48
N SER A 188 -17.36 -28.73 -11.47
CA SER A 188 -16.40 -28.69 -12.56
C SER A 188 -15.72 -30.04 -12.71
N ASP A 189 -15.37 -30.38 -13.95
CA ASP A 189 -14.66 -31.61 -14.26
C ASP A 189 -13.25 -31.34 -14.78
N LYS A 190 -12.79 -30.09 -14.75
CA LYS A 190 -11.46 -29.76 -15.25
C LYS A 190 -10.40 -30.47 -14.43
N LYS A 191 -9.43 -31.06 -15.13
CA LYS A 191 -8.42 -31.89 -14.49
C LYS A 191 -7.19 -31.06 -14.12
N PHE A 192 -6.53 -31.47 -13.03
CA PHE A 192 -5.35 -30.76 -12.56
C PHE A 192 -4.25 -30.76 -13.60
N SER A 193 -4.01 -31.90 -14.25
CA SER A 193 -2.96 -31.97 -15.26
C SER A 193 -3.28 -31.13 -16.49
N ASP A 194 -4.57 -31.01 -16.82
CA ASP A 194 -4.94 -30.21 -18.00
C ASP A 194 -4.67 -28.73 -17.78
N VAL A 195 -4.99 -28.21 -16.59
CA VAL A 195 -4.75 -26.80 -16.30
C VAL A 195 -3.26 -26.53 -16.15
N VAL A 196 -2.51 -27.47 -15.59
CA VAL A 196 -1.06 -27.31 -15.51
C VAL A 196 -0.45 -27.24 -16.91
N LYS A 197 -0.93 -28.08 -17.81
CA LYS A 197 -0.36 -28.11 -19.16
C LYS A 197 -0.71 -26.85 -19.95
N VAL A 198 -1.91 -26.31 -19.75
CA VAL A 198 -2.26 -25.08 -20.45
C VAL A 198 -1.61 -23.87 -19.78
N ALA A 199 -1.37 -23.93 -18.46
CA ALA A 199 -0.65 -22.85 -17.80
C ALA A 199 0.81 -22.82 -18.23
N LYS A 200 1.38 -23.99 -18.56
CA LYS A 200 2.76 -24.03 -19.01
C LYS A 200 2.92 -23.35 -20.37
N ASP A 201 2.06 -23.70 -21.32
CA ASP A 201 2.15 -23.16 -22.68
C ASP A 201 1.64 -21.74 -22.80
N LEU A 202 0.91 -21.24 -21.80
CA LEU A 202 0.56 -19.82 -21.76
C LEU A 202 1.66 -18.96 -21.17
N GLY A 203 2.59 -19.56 -20.42
CA GLY A 203 3.70 -18.85 -19.84
C GLY A 203 3.66 -18.69 -18.33
N TYR A 204 2.62 -19.19 -17.67
CA TYR A 204 2.55 -19.08 -16.21
C TYR A 204 3.57 -19.99 -15.54
N LEU A 205 3.61 -21.25 -15.97
CA LEU A 205 4.56 -22.22 -15.43
C LEU A 205 5.76 -22.35 -16.36
N GLU A 206 6.90 -22.70 -15.79
CA GLU A 206 8.10 -22.92 -16.60
C GLU A 206 7.92 -24.15 -17.47
N ARG A 207 8.86 -24.33 -18.41
CA ARG A 207 8.81 -25.50 -19.30
C ARG A 207 8.82 -26.80 -18.50
N ASP A 208 9.45 -26.79 -17.33
CA ASP A 208 9.30 -27.88 -16.35
C ASP A 208 8.51 -27.33 -15.18
N PRO A 209 7.22 -27.68 -15.04
CA PRO A 209 6.39 -27.02 -14.02
C PRO A 209 6.73 -27.40 -12.59
N ARG A 210 7.54 -28.44 -12.37
CA ARG A 210 7.85 -28.85 -11.00
C ARG A 210 8.66 -27.81 -10.24
N ASP A 211 9.32 -26.88 -10.94
CA ASP A 211 10.02 -25.82 -10.25
C ASP A 211 9.03 -24.85 -9.59
N ASP A 212 7.86 -24.66 -10.20
CA ASP A 212 6.82 -23.82 -9.61
C ASP A 212 5.89 -24.59 -8.69
N LEU A 213 5.68 -25.88 -8.94
CA LEU A 213 4.72 -26.67 -8.21
C LEU A 213 5.23 -27.15 -6.85
N ASN A 214 6.54 -27.06 -6.59
CA ASN A 214 7.05 -27.46 -5.29
C ASN A 214 6.82 -26.39 -4.22
N GLY A 215 6.34 -25.21 -4.60
CA GLY A 215 6.01 -24.17 -3.66
C GLY A 215 7.18 -23.53 -2.95
N MET A 216 8.41 -23.76 -3.42
CA MET A 216 9.57 -23.20 -2.75
C MET A 216 9.69 -21.70 -2.95
N ASP A 217 9.41 -21.22 -4.16
CA ASP A 217 9.39 -19.78 -4.40
C ASP A 217 8.31 -19.11 -3.55
N PHE A 218 7.12 -19.73 -3.49
CA PHE A 218 6.08 -19.27 -2.58
C PHE A 218 6.59 -19.23 -1.14
N ALA A 219 7.34 -20.25 -0.73
CA ALA A 219 7.81 -20.31 0.66
C ALA A 219 8.85 -19.24 0.97
N ARG A 220 9.61 -18.81 -0.04
CA ARG A 220 10.57 -17.73 0.19
C ARG A 220 9.86 -16.41 0.50
N LYS A 221 8.75 -16.14 -0.19
CA LYS A 221 8.00 -14.91 0.06
C LYS A 221 7.31 -14.96 1.42
N VAL A 222 6.82 -16.13 1.83
CA VAL A 222 6.22 -16.28 3.14
C VAL A 222 7.27 -16.06 4.23
N THR A 223 8.50 -16.50 3.98
CA THR A 223 9.58 -16.28 4.94
C THR A 223 9.87 -14.79 5.11
N ILE A 224 9.82 -14.03 4.01
CA ILE A 224 10.11 -12.60 4.07
C ILE A 224 9.05 -11.89 4.91
N LEU A 225 7.77 -12.14 4.60
CA LEU A 225 6.70 -11.49 5.34
C LEU A 225 6.72 -11.89 6.82
N ALA A 226 7.06 -13.15 7.10
CA ALA A 226 7.10 -13.61 8.49
C ALA A 226 8.18 -12.89 9.28
N ARG A 227 9.35 -12.69 8.67
CA ARG A 227 10.46 -12.05 9.39
C ARG A 227 10.21 -10.57 9.61
N ILE A 228 9.56 -9.91 8.64
CA ILE A 228 9.16 -8.51 8.83
C ILE A 228 8.15 -8.42 9.97
N ALA A 229 7.24 -9.39 10.06
CA ALA A 229 6.15 -9.33 11.03
C ALA A 229 6.59 -9.68 12.44
N GLY A 230 7.76 -10.29 12.61
CA GLY A 230 8.25 -10.72 13.91
C GLY A 230 8.37 -12.22 14.08
N PHE A 231 7.80 -13.02 13.20
CA PHE A 231 7.95 -14.48 13.23
C PHE A 231 9.31 -14.81 12.61
N GLU A 232 10.32 -15.03 13.44
CA GLU A 232 11.70 -15.17 12.97
C GLU A 232 11.93 -16.60 12.51
N VAL A 233 11.60 -16.86 11.25
CA VAL A 233 11.80 -18.18 10.65
C VAL A 233 13.27 -18.37 10.32
N GLU A 234 13.75 -19.61 10.47
CA GLU A 234 15.15 -19.90 10.20
C GLU A 234 15.43 -19.91 8.69
N SER A 235 14.57 -20.58 7.92
CA SER A 235 14.76 -20.71 6.48
C SER A 235 13.45 -21.20 5.88
N PRO A 236 13.30 -21.09 4.55
CA PRO A 236 12.09 -21.63 3.90
C PRO A 236 11.97 -23.13 3.99
N ASN A 237 13.00 -23.84 4.46
CA ASN A 237 12.92 -25.28 4.68
C ASN A 237 12.58 -25.62 6.13
N SER A 238 12.36 -24.61 6.98
CA SER A 238 12.10 -24.84 8.39
C SER A 238 10.62 -24.90 8.73
N PHE A 239 9.74 -24.98 7.74
CA PHE A 239 8.32 -25.13 8.00
C PHE A 239 7.68 -25.93 6.86
N ALA A 240 6.42 -26.31 7.07
CA ALA A 240 5.74 -27.22 6.16
C ALA A 240 5.42 -26.53 4.84
N VAL A 241 5.90 -27.09 3.74
CA VAL A 241 5.60 -26.62 2.39
C VAL A 241 5.11 -27.84 1.62
N ASP A 242 3.80 -27.92 1.40
CA ASP A 242 3.20 -29.07 0.72
C ASP A 242 3.36 -28.90 -0.78
N SER A 243 4.30 -29.65 -1.36
CA SER A 243 4.53 -29.58 -2.80
C SER A 243 3.32 -30.10 -3.56
N LEU A 244 2.98 -29.41 -4.65
CA LEU A 244 1.90 -29.89 -5.52
C LEU A 244 2.35 -31.02 -6.42
N VAL A 245 3.66 -31.22 -6.58
CA VAL A 245 4.20 -32.36 -7.31
C VAL A 245 3.92 -33.62 -6.50
N PRO A 246 3.22 -34.60 -7.06
CA PRO A 246 3.03 -35.87 -6.33
C PRO A 246 4.36 -36.54 -6.05
N GLN A 247 4.44 -37.20 -4.90
CA GLN A 247 5.70 -37.81 -4.45
C GLN A 247 6.33 -38.77 -5.45
N PRO A 248 5.60 -39.72 -6.08
CA PRO A 248 6.28 -40.68 -6.96
C PRO A 248 6.75 -40.09 -8.29
N LEU A 249 6.65 -38.77 -8.46
CA LEU A 249 7.02 -38.13 -9.72
C LEU A 249 8.15 -37.12 -9.55
N GLU A 250 8.84 -37.10 -8.42
CA GLU A 250 9.90 -36.13 -8.22
C GLU A 250 11.23 -36.59 -8.79
N SER A 251 11.45 -37.90 -8.88
CA SER A 251 12.72 -38.43 -9.37
C SER A 251 12.85 -38.32 -10.88
N LEU A 252 11.74 -38.12 -11.60
CA LEU A 252 11.79 -38.02 -13.05
C LEU A 252 12.68 -36.86 -13.47
N ALA A 253 13.61 -37.12 -14.38
CA ALA A 253 14.62 -36.13 -14.73
C ALA A 253 14.10 -35.10 -15.71
N THR A 254 13.25 -35.51 -16.65
CA THR A 254 12.76 -34.63 -17.70
C THR A 254 11.33 -34.21 -17.43
N GLY A 255 10.95 -33.06 -17.99
CA GLY A 255 9.60 -32.56 -17.80
C GLY A 255 8.55 -33.34 -18.56
N ALA A 256 8.91 -33.86 -19.74
CA ALA A 256 7.94 -34.62 -20.53
C ALA A 256 7.47 -35.87 -19.81
N GLU A 257 8.34 -36.50 -19.02
CA GLU A 257 7.91 -37.66 -18.23
C GLU A 257 7.00 -37.25 -17.09
N PHE A 258 7.21 -36.06 -16.51
CA PHE A 258 6.33 -35.59 -15.46
C PHE A 258 4.94 -35.26 -16.01
N LEU A 259 4.89 -34.54 -17.13
CA LEU A 259 3.60 -34.20 -17.74
C LEU A 259 2.89 -35.41 -18.30
N GLU A 260 3.61 -36.52 -18.53
CA GLU A 260 2.98 -37.73 -19.04
C GLU A 260 2.35 -38.56 -17.92
N LYS A 261 2.97 -38.56 -16.73
CA LYS A 261 2.46 -39.34 -15.61
C LYS A 261 1.56 -38.55 -14.68
N LEU A 262 1.61 -37.22 -14.74
CA LEU A 262 0.74 -36.42 -13.88
C LEU A 262 -0.75 -36.72 -14.05
N PRO A 263 -1.29 -36.94 -15.24
CA PRO A 263 -2.74 -37.17 -15.35
C PRO A 263 -3.26 -38.37 -14.56
N GLU A 264 -2.41 -39.33 -14.20
CA GLU A 264 -2.88 -40.47 -13.43
C GLU A 264 -3.11 -40.13 -11.95
N TYR A 265 -2.91 -38.88 -11.56
CA TYR A 265 -3.24 -38.40 -10.22
C TYR A 265 -4.38 -37.39 -10.23
N ASP A 266 -5.00 -37.16 -11.38
CA ASP A 266 -6.12 -36.24 -11.45
C ASP A 266 -7.33 -36.77 -10.68
N ASN A 267 -7.45 -38.09 -10.57
CA ASN A 267 -8.55 -38.66 -9.81
C ASN A 267 -8.46 -38.29 -8.34
N ASP A 268 -7.24 -38.26 -7.79
CA ASP A 268 -7.06 -37.89 -6.40
C ASP A 268 -7.40 -36.42 -6.16
N PHE A 269 -7.09 -35.56 -7.13
CA PHE A 269 -7.40 -34.14 -6.98
C PHE A 269 -8.88 -33.86 -7.21
N GLN A 270 -9.51 -34.59 -8.15
CA GLN A 270 -10.93 -34.41 -8.40
C GLN A 270 -11.75 -34.70 -7.16
N LYS A 271 -11.43 -35.81 -6.48
CA LYS A 271 -12.17 -36.16 -5.27
C LYS A 271 -11.96 -35.12 -4.17
N ARG A 272 -10.73 -34.63 -4.02
CA ARG A 272 -10.46 -33.64 -2.99
C ARG A 272 -11.18 -32.33 -3.28
N LYS A 273 -11.22 -31.91 -4.55
CA LYS A 273 -11.95 -30.70 -4.91
C LYS A 273 -13.45 -30.88 -4.73
N ASP A 274 -13.96 -32.07 -5.09
CA ASP A 274 -15.39 -32.35 -4.91
C ASP A 274 -15.74 -32.53 -3.44
N ASP A 275 -14.78 -32.99 -2.63
CA ASP A 275 -15.03 -33.13 -1.20
C ASP A 275 -15.18 -31.79 -0.53
N ALA A 276 -14.36 -30.80 -0.92
CA ALA A 276 -14.50 -29.47 -0.35
C ALA A 276 -15.70 -28.74 -0.94
N LEU A 277 -16.02 -28.99 -2.21
CA LEU A 277 -17.22 -28.41 -2.80
C LEU A 277 -18.49 -28.97 -2.14
N ALA A 278 -18.42 -30.21 -1.63
CA ALA A 278 -19.57 -30.78 -0.93
C ALA A 278 -19.85 -30.05 0.38
N GLU A 279 -18.81 -29.51 1.02
CA GLU A 279 -18.98 -28.69 2.21
C GLU A 279 -18.91 -27.20 1.89
N ASN A 280 -19.13 -26.83 0.63
CA ASN A 280 -19.31 -25.43 0.21
C ASN A 280 -18.03 -24.61 0.41
N LYS A 281 -16.92 -25.13 -0.10
CA LYS A 281 -15.63 -24.45 0.00
C LYS A 281 -14.84 -24.67 -1.28
N VAL A 282 -13.92 -23.75 -1.55
CA VAL A 282 -13.02 -23.86 -2.68
C VAL A 282 -11.61 -24.16 -2.16
N LEU A 283 -10.79 -24.70 -3.04
CA LEU A 283 -9.40 -25.02 -2.72
C LEU A 283 -8.50 -23.89 -3.18
N ARG A 284 -7.53 -23.54 -2.33
CA ARG A 284 -6.56 -22.50 -2.63
C ARG A 284 -5.20 -22.89 -2.07
N TYR A 285 -4.15 -22.64 -2.84
CA TYR A 285 -2.78 -22.86 -2.40
C TYR A 285 -2.31 -21.58 -1.72
N VAL A 286 -2.24 -21.60 -0.39
CA VAL A 286 -2.03 -20.38 0.39
C VAL A 286 -0.77 -20.54 1.25
N GLY A 287 -0.26 -19.39 1.67
CA GLY A 287 0.78 -19.34 2.68
C GLY A 287 0.26 -18.60 3.90
N GLN A 288 0.55 -19.14 5.08
CA GLN A 288 0.00 -18.60 6.32
C GLN A 288 1.10 -18.35 7.32
N VAL A 289 1.08 -17.17 7.94
CA VAL A 289 1.92 -16.84 9.09
C VAL A 289 0.96 -16.62 10.26
N ASP A 290 0.80 -17.63 11.10
CA ASP A 290 -0.19 -17.63 12.17
C ASP A 290 0.54 -17.49 13.50
N PHE A 291 0.56 -16.26 14.04
CA PHE A 291 1.15 -16.04 15.35
C PHE A 291 0.34 -16.72 16.45
N LYS A 292 -0.99 -16.77 16.30
CA LYS A 292 -1.84 -17.39 17.30
C LYS A 292 -1.58 -18.90 17.37
N ALA A 293 -1.54 -19.55 16.21
CA ALA A 293 -1.25 -20.98 16.15
C ALA A 293 0.24 -21.28 16.23
N ASN A 294 1.09 -20.26 16.24
CA ASN A 294 2.54 -20.42 16.23
C ASN A 294 2.97 -21.31 15.06
N LYS A 295 2.46 -20.98 13.88
CA LYS A 295 2.58 -21.84 12.70
C LYS A 295 2.87 -21.00 11.46
N VAL A 296 3.84 -21.45 10.67
CA VAL A 296 4.07 -20.94 9.32
C VAL A 296 3.95 -22.12 8.37
N SER A 297 3.11 -21.98 7.35
CA SER A 297 2.85 -23.11 6.46
C SER A 297 2.49 -22.61 5.07
N VAL A 298 2.75 -23.46 4.08
CA VAL A 298 2.39 -23.21 2.69
C VAL A 298 1.75 -24.48 2.14
N GLY A 299 0.48 -24.40 1.77
CA GLY A 299 -0.19 -25.57 1.24
C GLY A 299 -1.62 -25.25 0.86
N ILE A 300 -2.35 -26.31 0.52
CA ILE A 300 -3.74 -26.18 0.09
C ILE A 300 -4.62 -25.96 1.31
N ALA A 301 -5.53 -25.00 1.22
CA ALA A 301 -6.50 -24.73 2.28
C ALA A 301 -7.88 -24.54 1.66
N LYS A 302 -8.90 -24.62 2.51
CA LYS A 302 -10.29 -24.50 2.09
C LYS A 302 -10.85 -23.16 2.53
N TYR A 303 -11.62 -22.52 1.65
CA TYR A 303 -12.18 -21.21 1.92
C TYR A 303 -13.64 -21.18 1.48
N ASP A 304 -14.47 -20.52 2.29
CA ASP A 304 -15.89 -20.38 1.99
C ASP A 304 -16.10 -19.62 0.68
N PHE A 305 -17.29 -19.77 0.11
CA PHE A 305 -17.59 -19.20 -1.20
C PHE A 305 -17.57 -17.67 -1.16
N ASP A 306 -17.92 -17.06 -0.03
CA ASP A 306 -17.93 -15.61 0.09
C ASP A 306 -16.63 -15.05 0.66
N HIS A 307 -15.65 -15.91 0.93
CA HIS A 307 -14.36 -15.43 1.39
C HIS A 307 -13.67 -14.63 0.30
N PRO A 308 -12.88 -13.61 0.66
CA PRO A 308 -12.18 -12.83 -0.37
C PRO A 308 -11.30 -13.66 -1.29
N PHE A 309 -10.71 -14.75 -0.79
CA PHE A 309 -9.85 -15.58 -1.62
C PHE A 309 -10.64 -16.40 -2.65
N ALA A 310 -11.92 -16.67 -2.39
CA ALA A 310 -12.74 -17.45 -3.29
C ALA A 310 -13.21 -16.67 -4.51
N SER A 311 -12.94 -15.37 -4.57
CA SER A 311 -13.33 -14.54 -5.71
C SER A 311 -12.14 -14.01 -6.49
N LEU A 312 -10.95 -14.56 -6.27
CA LEU A 312 -9.80 -14.20 -7.07
C LEU A 312 -10.00 -14.63 -8.52
N LYS A 313 -9.58 -13.77 -9.44
CA LYS A 313 -9.72 -14.03 -10.87
C LYS A 313 -8.33 -14.15 -11.50
N GLY A 314 -8.12 -15.22 -12.23
CA GLY A 314 -6.89 -15.37 -13.00
C GLY A 314 -5.69 -15.59 -12.11
N SER A 315 -4.63 -14.80 -12.35
CA SER A 315 -3.37 -14.92 -11.65
C SER A 315 -3.19 -13.85 -10.58
N ASP A 316 -4.27 -13.25 -10.11
CA ASP A 316 -4.16 -12.20 -9.11
C ASP A 316 -3.57 -12.72 -7.82
N ASN A 317 -2.64 -11.95 -7.25
CA ASN A 317 -2.15 -12.21 -5.91
C ASN A 317 -3.05 -11.51 -4.89
N VAL A 318 -2.96 -11.93 -3.64
CA VAL A 318 -3.73 -11.33 -2.56
C VAL A 318 -3.01 -11.64 -1.26
N VAL A 319 -3.09 -10.71 -0.31
CA VAL A 319 -2.51 -10.90 1.02
C VAL A 319 -3.47 -10.31 2.04
N SER A 320 -3.70 -11.03 3.13
CA SER A 320 -4.59 -10.62 4.20
C SER A 320 -3.76 -10.46 5.46
N ILE A 321 -3.78 -9.25 6.04
CA ILE A 321 -2.94 -8.91 7.19
C ILE A 321 -3.88 -8.56 8.34
N LYS A 322 -4.06 -9.50 9.26
CA LYS A 322 -4.86 -9.29 10.47
C LYS A 322 -3.93 -8.90 11.62
N THR A 323 -4.21 -7.77 12.25
CA THR A 323 -3.37 -7.23 13.31
C THR A 323 -4.24 -6.86 14.51
N GLU A 324 -3.59 -6.28 15.53
CA GLU A 324 -4.31 -5.81 16.70
C GLU A 324 -5.18 -4.60 16.37
N ARG A 325 -4.65 -3.66 15.59
CA ARG A 325 -5.42 -2.50 15.16
C ARG A 325 -6.37 -2.82 14.01
N TYR A 326 -6.17 -3.94 13.31
CA TYR A 326 -7.03 -4.37 12.21
C TYR A 326 -7.66 -5.71 12.57
N PRO A 327 -8.71 -5.71 13.40
CA PRO A 327 -9.42 -6.97 13.65
C PRO A 327 -9.98 -7.58 12.38
N ASN A 328 -10.64 -6.77 11.56
CA ASN A 328 -10.87 -7.16 10.17
C ASN A 328 -9.62 -6.83 9.35
N PRO A 329 -9.07 -7.80 8.63
CA PRO A 329 -7.70 -7.65 8.12
C PRO A 329 -7.60 -6.65 6.98
N LEU A 330 -6.41 -6.05 6.86
CA LEU A 330 -6.06 -5.28 5.68
C LEU A 330 -5.80 -6.24 4.52
N ILE A 331 -6.50 -6.03 3.42
CA ILE A 331 -6.45 -6.93 2.27
C ILE A 331 -5.97 -6.15 1.05
N ILE A 332 -4.93 -6.67 0.41
CA ILE A 332 -4.34 -6.06 -0.78
C ILE A 332 -4.24 -7.14 -1.86
N GLN A 333 -4.77 -6.85 -3.04
CA GLN A 333 -4.77 -7.82 -4.12
C GLN A 333 -4.52 -7.13 -5.46
N GLY A 334 -4.03 -7.91 -6.41
CA GLY A 334 -3.69 -7.40 -7.71
C GLY A 334 -2.65 -8.29 -8.37
N ALA A 335 -2.15 -7.82 -9.51
CA ALA A 335 -1.12 -8.56 -10.23
C ALA A 335 0.16 -8.60 -9.43
N GLY A 336 0.58 -9.80 -9.03
CA GLY A 336 1.79 -10.00 -8.27
C GLY A 336 3.01 -10.39 -9.07
N ALA A 337 2.92 -10.35 -10.40
CA ALA A 337 4.04 -10.72 -11.25
C ALA A 337 3.88 -10.04 -12.59
N GLY A 338 4.97 -10.01 -13.35
CA GLY A 338 4.99 -9.33 -14.65
C GLY A 338 6.20 -8.41 -14.69
N ALA A 339 6.71 -8.20 -15.91
CA ALA A 339 7.92 -7.41 -16.08
C ALA A 339 7.71 -5.96 -15.66
N GLU A 340 6.62 -5.35 -16.12
CA GLU A 340 6.40 -3.93 -15.85
C GLU A 340 6.05 -3.68 -14.38
N VAL A 341 5.16 -4.50 -13.81
CA VAL A 341 4.76 -4.27 -12.42
C VAL A 341 5.90 -4.58 -11.46
N THR A 342 6.79 -5.50 -11.82
CA THR A 342 7.96 -5.74 -10.99
C THR A 342 8.94 -4.59 -11.08
N ALA A 343 9.18 -4.09 -12.31
CA ALA A 343 10.07 -2.95 -12.48
C ALA A 343 9.52 -1.71 -11.78
N HIS A 344 8.20 -1.58 -11.72
CA HIS A 344 7.60 -0.46 -10.99
C HIS A 344 7.91 -0.53 -9.50
N GLY A 345 7.83 -1.73 -8.91
CA GLY A 345 8.15 -1.88 -7.50
C GLY A 345 9.61 -1.55 -7.21
N VAL A 346 10.52 -1.95 -8.10
CA VAL A 346 11.93 -1.67 -7.92
C VAL A 346 12.20 -0.18 -8.07
N LEU A 347 11.62 0.45 -9.10
CA LEU A 347 11.87 1.87 -9.33
C LEU A 347 11.27 2.72 -8.22
N ALA A 348 10.10 2.33 -7.70
CA ALA A 348 9.50 3.07 -6.59
C ALA A 348 10.37 3.01 -5.35
N ASP A 349 11.00 1.86 -5.09
CA ASP A 349 11.92 1.75 -3.97
C ASP A 349 13.17 2.60 -4.19
N ALA A 350 13.71 2.58 -5.41
CA ALA A 350 14.91 3.36 -5.69
C ALA A 350 14.65 4.86 -5.60
N ILE A 351 13.43 5.30 -5.90
CA ILE A 351 13.09 6.71 -5.76
C ILE A 351 13.02 7.09 -4.29
N LYS A 352 12.42 6.22 -3.46
CA LYS A 352 12.36 6.49 -2.02
C LYS A 352 13.76 6.59 -1.42
N ILE A 353 14.67 5.70 -1.84
CA ILE A 353 16.05 5.78 -1.38
C ILE A 353 16.70 7.08 -1.83
N ALA A 354 16.47 7.46 -3.10
CA ALA A 354 17.09 8.67 -3.62
C ALA A 354 16.63 9.91 -2.87
N GLU A 355 15.33 9.99 -2.54
CA GLU A 355 14.83 11.13 -1.78
C GLU A 355 15.51 11.26 -0.42
N ARG A 356 16.09 10.18 0.10
CA ARG A 356 16.68 10.18 1.43
C ARG A 356 18.19 10.37 1.43
N ILE A 357 18.88 10.04 0.34
CA ILE A 357 20.34 10.08 0.31
C ILE A 357 20.90 11.06 -0.71
N ALA A 358 20.10 11.58 -1.63
CA ALA A 358 20.62 12.47 -2.66
C ALA A 358 21.07 13.79 -2.06
N ASN A 359 22.05 14.42 -2.72
CA ASN A 359 22.53 15.74 -2.31
C ASN A 359 23.02 16.54 -3.52
N SER B 2 20.44 9.41 16.59
CA SER B 2 21.47 10.43 16.46
C SER B 2 20.94 11.65 15.71
N LYS B 3 20.23 11.40 14.61
CA LYS B 3 19.56 12.46 13.87
C LYS B 3 18.18 12.71 14.47
N SER B 4 17.66 13.92 14.23
CA SER B 4 16.40 14.29 14.85
C SER B 4 15.75 15.42 14.06
N VAL B 5 14.45 15.59 14.29
CA VAL B 5 13.67 16.71 13.79
C VAL B 5 12.87 17.30 14.95
N ASN B 6 12.54 18.58 14.84
CA ASN B 6 11.58 19.18 15.73
C ASN B 6 10.16 18.91 15.23
N VAL B 7 9.23 18.81 16.17
CA VAL B 7 7.84 18.48 15.86
C VAL B 7 6.92 19.42 16.61
N ALA B 8 5.94 19.98 15.89
CA ALA B 8 4.87 20.77 16.48
C ALA B 8 3.55 20.04 16.23
N ILE B 9 2.86 19.68 17.31
CA ILE B 9 1.65 18.89 17.25
C ILE B 9 0.46 19.79 17.55
N ILE B 10 -0.48 19.85 16.62
CA ILE B 10 -1.76 20.54 16.81
C ILE B 10 -2.85 19.48 16.79
N GLY B 11 -3.62 19.39 17.87
CA GLY B 11 -4.64 18.37 17.95
C GLY B 11 -5.87 18.77 18.74
N ALA B 12 -6.67 17.78 19.14
CA ALA B 12 -7.89 18.05 19.88
C ALA B 12 -8.36 16.82 20.66
N GLY B 13 -8.99 15.88 19.97
CA GLY B 13 -9.66 14.78 20.65
C GLY B 13 -8.98 13.44 20.60
N VAL B 14 -9.71 12.42 20.13
CA VAL B 14 -9.28 11.03 20.29
C VAL B 14 -8.15 10.67 19.32
N VAL B 15 -8.10 11.28 18.14
CA VAL B 15 -7.02 10.98 17.21
C VAL B 15 -5.71 11.57 17.70
N SER B 16 -5.76 12.78 18.28
CA SER B 16 -4.54 13.42 18.75
C SER B 16 -3.94 12.67 19.93
N SER B 17 -4.77 12.17 20.84
CA SER B 17 -4.25 11.40 21.96
C SER B 17 -3.75 10.04 21.51
N ALA B 18 -4.40 9.42 20.52
CA ALA B 18 -3.90 8.18 19.97
C ALA B 18 -2.57 8.37 19.24
N PHE B 19 -2.38 9.54 18.62
CA PHE B 19 -1.13 9.82 17.93
C PHE B 19 0.00 10.07 18.92
N ILE B 20 -0.27 10.84 19.97
CA ILE B 20 0.76 11.15 20.96
C ILE B 20 1.22 9.88 21.67
N ASN B 21 0.28 8.98 21.97
CA ASN B 21 0.65 7.73 22.61
C ASN B 21 1.52 6.86 21.70
N GLN B 22 1.16 6.79 20.40
CA GLN B 22 1.98 6.04 19.47
C GLN B 22 3.35 6.69 19.28
N LEU B 23 3.41 8.02 19.31
CA LEU B 23 4.70 8.69 19.18
C LEU B 23 5.52 8.58 20.44
N ALA B 24 4.87 8.55 21.61
CA ALA B 24 5.61 8.44 22.87
C ALA B 24 6.32 7.09 22.98
N ASN B 25 5.73 6.02 22.46
CA ASN B 25 6.29 4.69 22.55
C ASN B 25 7.05 4.29 21.29
N LEU B 26 7.43 5.25 20.45
CA LEU B 26 8.06 4.95 19.18
C LEU B 26 9.53 4.56 19.40
N LYS B 27 9.94 3.48 18.75
CA LYS B 27 11.34 3.01 18.75
C LYS B 27 11.83 3.07 17.31
N ALA B 28 12.13 4.28 16.84
CA ALA B 28 12.55 4.52 15.47
C ALA B 28 13.98 5.05 15.42
N PRO B 29 14.69 4.84 14.32
CA PRO B 29 16.06 5.36 14.24
C PRO B 29 16.15 6.88 14.30
N VAL B 30 15.12 7.59 13.84
CA VAL B 30 15.10 9.04 13.88
C VAL B 30 14.44 9.49 15.17
N ALA B 31 15.06 10.46 15.85
CA ALA B 31 14.52 10.99 17.09
C ALA B 31 13.53 12.11 16.79
N PHE B 32 12.45 12.15 17.58
CA PHE B 32 11.41 13.18 17.45
C PHE B 32 11.39 14.02 18.71
N LYS B 33 11.80 15.28 18.60
CA LYS B 33 11.77 16.22 19.72
C LYS B 33 10.56 17.13 19.52
N VAL B 34 9.51 16.92 20.32
CA VAL B 34 8.32 17.75 20.25
C VAL B 34 8.61 19.05 20.98
N VAL B 35 8.71 20.14 20.23
CA VAL B 35 8.97 21.46 20.80
C VAL B 35 7.71 22.28 21.00
N TYR B 36 6.57 21.84 20.47
CA TYR B 36 5.32 22.58 20.60
C TYR B 36 4.17 21.59 20.57
N LEU B 37 3.33 21.61 21.60
CA LEU B 37 2.19 20.71 21.71
C LEU B 37 0.99 21.54 22.16
N ALA B 38 0.01 21.68 21.28
CA ALA B 38 -1.22 22.42 21.59
C ALA B 38 -2.28 21.41 22.02
N ARG B 39 -2.58 21.40 23.31
CA ARG B 39 -3.57 20.45 23.84
C ARG B 39 -4.97 20.82 23.41
N SER B 40 -5.40 22.05 23.69
CA SER B 40 -6.71 22.56 23.32
C SER B 40 -6.55 23.70 22.33
N SER B 41 -7.66 24.35 22.01
CA SER B 41 -7.65 25.52 21.14
C SER B 41 -7.12 26.77 21.84
N LYS B 42 -6.80 26.68 23.13
CA LYS B 42 -6.35 27.83 23.90
C LYS B 42 -5.06 27.60 24.68
N GLU B 43 -4.66 26.36 24.94
CA GLU B 43 -3.48 26.05 25.72
C GLU B 43 -2.46 25.29 24.89
N ALA B 44 -1.19 25.65 25.02
CA ALA B 44 -0.10 24.99 24.34
C ALA B 44 1.09 24.87 25.28
N VAL B 45 1.90 23.84 25.06
CA VAL B 45 3.08 23.56 25.87
C VAL B 45 4.32 23.76 24.99
N PHE B 46 5.13 24.76 25.33
CA PHE B 46 6.36 25.03 24.61
C PHE B 46 7.25 25.90 25.49
N SER B 47 8.54 25.83 25.22
CA SER B 47 9.55 26.52 26.04
C SER B 47 10.35 27.50 25.20
N LYS B 48 10.87 28.52 25.87
CA LYS B 48 11.71 29.52 25.21
C LYS B 48 12.96 28.89 24.60
N ASP B 49 13.49 27.83 25.23
CA ASP B 49 14.73 27.20 24.82
C ASP B 49 14.50 25.93 24.00
N TYR B 50 13.29 25.74 23.48
CA TYR B 50 12.95 24.56 22.67
C TYR B 50 13.15 23.26 23.43
N SER B 51 12.90 23.28 24.74
CA SER B 51 12.96 22.07 25.53
C SER B 51 11.90 21.07 25.05
N ALA B 52 12.25 19.79 25.09
CA ALA B 52 11.33 18.76 24.63
C ALA B 52 10.15 18.63 25.58
N VAL B 53 8.96 18.44 24.99
CA VAL B 53 7.75 18.23 25.77
C VAL B 53 7.68 16.76 26.19
N ASP B 54 7.44 16.52 27.47
CA ASP B 54 7.29 15.16 27.98
C ASP B 54 5.96 14.60 27.50
N LEU B 55 6.00 13.60 26.61
CA LEU B 55 4.78 13.09 26.00
C LEU B 55 3.95 12.25 26.95
N LYS B 56 4.53 11.79 28.05
CA LYS B 56 3.78 11.04 29.06
C LYS B 56 3.23 11.96 30.16
N ASN B 57 3.53 13.25 30.12
CA ASN B 57 3.00 14.18 31.12
C ASN B 57 2.61 15.53 30.52
N TYR B 58 2.28 15.58 29.23
CA TYR B 58 1.91 16.85 28.61
C TYR B 58 0.58 17.36 29.15
N LYS B 59 -0.29 16.47 29.61
CA LYS B 59 -1.59 16.87 30.14
C LYS B 59 -1.44 17.59 31.47
N THR B 60 -0.50 17.18 32.31
CA THR B 60 -0.30 17.80 33.61
C THR B 60 0.95 18.66 33.62
N ALA B 61 1.11 19.49 32.60
CA ALA B 61 2.27 20.38 32.46
C ALA B 61 1.81 21.84 32.45
N PRO B 62 2.68 22.77 32.83
CA PRO B 62 2.31 24.19 32.75
C PRO B 62 2.10 24.62 31.31
N ALA B 63 0.91 25.15 31.04
CA ALA B 63 0.51 25.52 29.69
C ALA B 63 0.45 27.03 29.54
N GLN B 64 0.78 27.50 28.34
CA GLN B 64 0.69 28.90 27.97
C GLN B 64 -0.46 29.09 26.98
N ALA B 65 -0.61 30.33 26.52
CA ALA B 65 -1.53 30.62 25.44
C ALA B 65 -0.97 30.11 24.12
N VAL B 66 -1.86 29.63 23.25
CA VAL B 66 -1.44 29.11 21.96
C VAL B 66 -0.82 30.23 21.14
N LEU B 67 0.19 29.88 20.36
CA LEU B 67 0.82 30.86 19.48
C LEU B 67 -0.01 31.00 18.22
N PRO B 68 -0.33 32.23 17.79
CA PRO B 68 -0.98 32.41 16.49
C PRO B 68 -0.14 31.81 15.37
N LEU B 69 -0.82 31.49 14.27
CA LEU B 69 -0.18 30.71 13.20
C LEU B 69 1.03 31.42 12.63
N ASP B 70 0.94 32.73 12.41
CA ASP B 70 2.08 33.48 11.89
C ASP B 70 3.26 33.44 12.86
N GLU B 71 2.97 33.48 14.16
CA GLU B 71 4.00 33.50 15.19
C GLU B 71 4.50 32.10 15.53
N LEU B 72 3.64 31.08 15.43
CA LEU B 72 4.12 29.71 15.58
C LEU B 72 5.15 29.39 14.50
N THR B 73 4.93 29.90 13.28
CA THR B 73 5.88 29.65 12.20
C THR B 73 7.23 30.28 12.50
N SER B 74 7.24 31.52 12.98
CA SER B 74 8.48 32.18 13.34
C SER B 74 9.17 31.46 14.49
N TYR B 75 8.39 31.02 15.48
CA TYR B 75 8.96 30.28 16.60
C TYR B 75 9.65 29.01 16.14
N LEU B 76 9.05 28.30 15.19
CA LEU B 76 9.62 27.03 14.74
C LEU B 76 10.82 27.25 13.84
N THR B 77 10.78 28.26 12.97
CA THR B 77 11.91 28.49 12.06
C THR B 77 13.10 29.09 12.78
N ALA B 78 12.88 29.79 13.89
CA ALA B 78 13.99 30.39 14.63
C ALA B 78 14.89 29.34 15.26
N ALA B 79 14.41 28.10 15.41
CA ALA B 79 15.23 27.04 15.98
C ALA B 79 16.31 26.55 15.02
N LYS B 80 16.16 26.81 13.73
CA LYS B 80 17.09 26.35 12.70
C LYS B 80 17.26 24.84 12.76
N ARG B 81 16.13 24.14 12.84
CA ARG B 81 16.09 22.69 12.87
C ARG B 81 15.03 22.19 11.91
N PRO B 82 15.27 21.06 11.24
CA PRO B 82 14.22 20.46 10.42
C PRO B 82 12.98 20.16 11.25
N THR B 83 11.84 20.64 10.78
CA THR B 83 10.61 20.64 11.58
C THR B 83 9.46 20.01 10.81
N ILE B 84 8.67 19.21 11.52
CA ILE B 84 7.43 18.64 11.00
C ILE B 84 6.27 19.20 11.82
N LEU B 85 5.22 19.63 11.14
CA LEU B 85 3.98 20.00 11.80
C LEU B 85 2.98 18.87 11.65
N VAL B 86 2.44 18.40 12.77
CA VAL B 86 1.41 17.36 12.79
C VAL B 86 0.09 18.03 13.12
N ASP B 87 -0.81 18.08 12.14
CA ASP B 87 -2.10 18.74 12.24
C ASP B 87 -3.18 17.68 12.42
N ASN B 88 -3.43 17.30 13.67
CA ASN B 88 -4.43 16.30 14.00
C ASN B 88 -5.82 16.90 14.20
N THR B 89 -6.16 17.92 13.42
CA THR B 89 -7.44 18.60 13.56
C THR B 89 -8.26 18.45 12.27
N SER B 90 -9.45 19.05 12.29
CA SER B 90 -10.24 19.29 11.09
C SER B 90 -10.48 20.79 10.90
N ASN B 91 -9.66 21.61 11.55
CA ASN B 91 -9.87 23.06 11.53
C ASN B 91 -9.52 23.62 10.15
N SER B 92 -10.35 24.55 9.68
CA SER B 92 -10.16 25.12 8.35
C SER B 92 -9.14 26.26 8.33
N SER B 93 -8.89 26.89 9.47
CA SER B 93 -7.94 28.00 9.50
C SER B 93 -6.49 27.51 9.40
N ILE B 94 -6.18 26.39 10.07
CA ILE B 94 -4.83 25.84 9.97
C ILE B 94 -4.60 25.24 8.59
N ALA B 95 -5.64 24.67 7.97
CA ALA B 95 -5.50 24.16 6.62
C ALA B 95 -5.21 25.29 5.63
N ASP B 96 -5.86 26.46 5.82
CA ASP B 96 -5.58 27.61 4.97
C ASP B 96 -4.14 28.08 5.09
N PHE B 97 -3.46 27.75 6.20
CA PHE B 97 -2.11 28.24 6.46
C PHE B 97 -1.02 27.32 5.93
N TYR B 98 -1.38 26.16 5.38
CA TYR B 98 -0.38 25.23 4.84
C TYR B 98 0.61 25.88 3.89
N PRO B 99 0.19 26.73 2.92
CA PRO B 99 1.20 27.37 2.05
C PRO B 99 2.22 28.19 2.82
N LYS B 100 1.80 28.86 3.89
CA LYS B 100 2.75 29.62 4.71
C LYS B 100 3.68 28.69 5.47
N PHE B 101 3.16 27.58 6.00
CA PHE B 101 4.00 26.58 6.64
C PHE B 101 5.01 26.00 5.67
N VAL B 102 4.57 25.68 4.45
CA VAL B 102 5.42 24.97 3.50
C VAL B 102 6.51 25.87 2.96
N GLU B 103 6.18 27.13 2.65
CA GLU B 103 7.18 28.05 2.12
C GLU B 103 8.25 28.36 3.16
N ALA B 104 7.92 28.28 4.44
CA ALA B 104 8.88 28.51 5.51
C ALA B 104 9.79 27.31 5.74
N GLY B 105 9.60 26.21 5.00
CA GLY B 105 10.41 25.03 5.18
C GLY B 105 9.87 24.02 6.17
N ILE B 106 8.67 24.23 6.69
CA ILE B 106 8.07 23.32 7.67
C ILE B 106 7.32 22.22 6.92
N SER B 107 7.65 20.97 7.23
CA SER B 107 6.95 19.84 6.63
C SER B 107 5.65 19.58 7.38
N ILE B 108 4.71 18.93 6.68
CA ILE B 108 3.36 18.73 7.18
C ILE B 108 2.98 17.26 7.04
N ALA B 109 2.42 16.69 8.10
CA ALA B 109 1.80 15.36 8.08
C ALA B 109 0.48 15.47 8.80
N THR B 110 -0.62 15.11 8.11
CA THR B 110 -1.93 15.46 8.63
C THR B 110 -2.97 14.48 8.10
N PRO B 111 -4.04 14.23 8.84
CA PRO B 111 -5.26 13.62 8.27
C PRO B 111 -6.32 14.62 7.86
N ASN B 112 -6.02 15.92 7.89
CA ASN B 112 -6.99 16.96 7.57
C ASN B 112 -7.03 17.17 6.06
N LYS B 113 -8.17 16.87 5.46
CA LYS B 113 -8.32 16.94 4.02
C LYS B 113 -8.88 18.28 3.52
N LYS B 114 -9.04 19.26 4.41
CA LYS B 114 -9.63 20.54 3.99
C LYS B 114 -8.71 21.27 3.02
N ALA B 115 -7.40 21.17 3.22
CA ALA B 115 -6.46 21.83 2.31
C ALA B 115 -6.39 21.12 0.97
N PHE B 116 -6.68 19.82 0.94
CA PHE B 116 -6.54 19.02 -0.26
C PHE B 116 -7.87 18.80 -0.99
N SER B 117 -8.99 19.20 -0.39
N SER B 117 -8.99 19.19 -0.38
CA SER B 117 -10.31 19.04 -0.98
CA SER B 117 -10.30 19.04 -0.99
C SER B 117 -10.99 20.38 -1.19
C SER B 117 -10.99 20.38 -1.18
N SER B 118 -10.21 21.45 -1.40
CA SER B 118 -10.76 22.76 -1.67
C SER B 118 -10.64 23.08 -3.15
N ASP B 119 -10.44 24.35 -3.48
CA ASP B 119 -10.27 24.73 -4.88
C ASP B 119 -8.96 24.17 -5.42
N LEU B 120 -8.92 24.01 -6.75
CA LEU B 120 -7.73 23.45 -7.39
C LEU B 120 -6.53 24.38 -7.26
N ALA B 121 -6.75 25.69 -7.15
CA ALA B 121 -5.64 26.61 -7.01
C ALA B 121 -4.91 26.43 -5.68
N THR B 122 -5.63 26.06 -4.62
CA THR B 122 -4.98 25.80 -3.34
C THR B 122 -4.15 24.52 -3.40
N TRP B 123 -4.64 23.51 -4.11
CA TRP B 123 -3.90 22.27 -4.28
C TRP B 123 -2.57 22.50 -4.97
N ASN B 124 -2.60 23.22 -6.10
CA ASN B 124 -1.36 23.48 -6.84
C ASN B 124 -0.41 24.34 -6.02
N ASP B 125 -0.95 25.30 -5.26
CA ASP B 125 -0.10 26.21 -4.49
C ASP B 125 0.69 25.46 -3.42
N ILE B 126 0.05 24.50 -2.76
CA ILE B 126 0.72 23.76 -1.69
C ILE B 126 1.87 22.92 -2.25
N PHE B 127 1.60 22.16 -3.32
CA PHE B 127 2.60 21.27 -3.86
C PHE B 127 3.60 21.98 -4.76
N LYS B 128 3.35 23.22 -5.16
CA LYS B 128 4.36 24.00 -5.87
C LYS B 128 5.38 24.56 -4.88
N LYS B 129 4.91 25.10 -3.77
CA LYS B 129 5.82 25.56 -2.72
C LYS B 129 6.54 24.39 -2.07
N SER B 130 5.92 23.21 -2.04
CA SER B 130 6.61 22.02 -1.55
C SER B 130 7.71 21.60 -2.50
N ALA B 131 7.43 21.65 -3.81
CA ALA B 131 8.43 21.24 -4.79
C ALA B 131 9.58 22.24 -4.89
N ALA B 132 9.34 23.50 -4.53
CA ALA B 132 10.36 24.52 -4.63
C ALA B 132 11.51 24.23 -3.65
N ALA B 133 12.62 24.94 -3.86
CA ALA B 133 13.79 24.76 -3.01
C ALA B 133 13.47 25.10 -1.57
N ASN B 134 13.95 24.26 -0.66
CA ASN B 134 13.77 24.37 0.79
C ASN B 134 12.30 24.36 1.22
N GLY B 135 11.40 23.91 0.35
CA GLY B 135 10.02 23.80 0.75
C GLY B 135 9.76 22.59 1.62
N GLY B 136 8.76 22.69 2.48
CA GLY B 136 8.42 21.59 3.37
C GLY B 136 7.70 20.47 2.63
N LEU B 137 7.89 19.26 3.13
CA LEU B 137 7.21 18.11 2.57
C LEU B 137 5.76 18.04 3.08
N VAL B 138 4.88 17.49 2.23
CA VAL B 138 3.46 17.40 2.54
C VAL B 138 3.04 15.94 2.34
N TYR B 139 2.83 15.24 3.44
CA TYR B 139 2.32 13.86 3.43
C TYR B 139 0.94 13.83 4.06
N HIS B 140 -0.02 13.20 3.38
CA HIS B 140 -1.41 13.24 3.81
C HIS B 140 -2.10 11.91 3.54
N GLU B 141 -1.43 10.80 3.85
CA GLU B 141 -2.02 9.49 3.59
C GLU B 141 -3.29 9.27 4.39
N ALA B 142 -3.35 9.80 5.61
CA ALA B 142 -4.49 9.58 6.48
C ALA B 142 -5.75 10.30 6.03
N THR B 143 -5.69 11.11 4.98
CA THR B 143 -6.87 11.83 4.52
C THR B 143 -7.83 10.92 3.76
N VAL B 144 -7.32 9.88 3.11
CA VAL B 144 -8.14 8.96 2.32
C VAL B 144 -7.91 7.56 2.88
N GLY B 145 -8.95 7.01 3.53
CA GLY B 145 -8.87 5.65 4.03
C GLY B 145 -8.12 5.48 5.33
N ALA B 146 -7.84 6.57 6.03
CA ALA B 146 -7.08 6.55 7.29
C ALA B 146 -5.74 5.87 7.02
N GLY B 147 -5.36 4.85 7.79
CA GLY B 147 -4.07 4.20 7.63
C GLY B 147 -3.95 3.24 6.47
N LEU B 148 -5.01 3.06 5.67
CA LEU B 148 -4.91 2.17 4.52
C LEU B 148 -3.94 2.74 3.49
N PRO B 149 -3.05 1.92 2.93
CA PRO B 149 -2.07 2.41 1.94
C PRO B 149 -2.69 2.67 0.56
N ILE B 150 -3.26 3.86 0.41
CA ILE B 150 -3.97 4.25 -0.81
C ILE B 150 -3.25 5.38 -1.53
N ILE B 151 -3.02 6.50 -0.84
CA ILE B 151 -2.42 7.67 -1.48
C ILE B 151 -0.96 7.38 -1.85
N GLY B 152 -0.24 6.70 -0.97
CA GLY B 152 1.14 6.35 -1.22
C GLY B 152 1.33 5.55 -2.49
N PRO B 153 0.73 4.35 -2.55
CA PRO B 153 0.85 3.56 -3.78
C PRO B 153 0.34 4.27 -5.02
N LEU B 154 -0.73 5.06 -4.90
CA LEU B 154 -1.25 5.78 -6.06
C LEU B 154 -0.27 6.85 -6.53
N ARG B 155 0.37 7.55 -5.59
CA ARG B 155 1.40 8.52 -5.97
C ARG B 155 2.57 7.85 -6.68
N ASP B 156 2.95 6.66 -6.20
CA ASP B 156 4.11 5.97 -6.76
C ASP B 156 3.90 5.60 -8.21
N LEU B 157 2.77 4.96 -8.53
CA LEU B 157 2.55 4.51 -9.90
C LEU B 157 2.36 5.68 -10.86
N VAL B 158 1.81 6.79 -10.38
CA VAL B 158 1.78 8.00 -11.20
C VAL B 158 3.20 8.52 -11.40
N LEU B 159 4.05 8.37 -10.39
CA LEU B 159 5.41 8.91 -10.47
C LEU B 159 6.29 8.09 -11.40
N THR B 160 6.06 6.79 -11.51
CA THR B 160 6.85 5.93 -12.37
C THR B 160 6.30 5.81 -13.78
N GLY B 161 5.25 6.57 -14.11
CA GLY B 161 4.76 6.66 -15.47
C GLY B 161 3.55 5.81 -15.80
N ASP B 162 2.89 5.22 -14.81
CA ASP B 162 1.67 4.46 -15.07
C ASP B 162 0.51 5.40 -15.32
N LYS B 163 -0.41 4.95 -16.16
CA LYS B 163 -1.57 5.75 -16.57
C LYS B 163 -2.83 5.20 -15.93
N VAL B 164 -3.41 5.98 -15.02
CA VAL B 164 -4.66 5.63 -14.36
C VAL B 164 -5.80 5.82 -15.35
N GLU B 165 -6.78 4.90 -15.32
CA GLU B 165 -7.95 5.02 -16.17
C GLU B 165 -9.28 4.81 -15.45
N LYS B 166 -9.28 4.24 -14.25
CA LYS B 166 -10.55 3.99 -13.53
C LYS B 166 -10.25 3.79 -12.05
N ILE B 167 -10.84 4.63 -11.20
CA ILE B 167 -10.74 4.50 -9.75
C ILE B 167 -12.15 4.38 -9.21
N GLU B 168 -12.44 3.27 -8.55
CA GLU B 168 -13.70 3.05 -7.84
C GLU B 168 -13.41 2.86 -6.36
N GLY B 169 -14.37 3.22 -5.52
CA GLY B 169 -14.14 3.09 -4.10
C GLY B 169 -15.31 3.34 -3.17
N ILE B 170 -15.34 2.60 -2.07
CA ILE B 170 -16.24 2.85 -0.95
C ILE B 170 -15.40 3.50 0.14
N LEU B 171 -15.61 4.79 0.38
CA LEU B 171 -14.71 5.59 1.21
C LEU B 171 -15.34 6.06 2.51
N SER B 172 -16.54 5.58 2.85
CA SER B 172 -17.21 5.93 4.09
C SER B 172 -17.53 4.65 4.84
N GLY B 173 -16.96 4.50 6.04
CA GLY B 173 -17.35 3.39 6.88
C GLY B 173 -18.82 3.44 7.25
N SER B 174 -19.35 4.65 7.44
CA SER B 174 -20.77 4.81 7.73
C SER B 174 -21.62 4.31 6.57
N LEU B 175 -21.40 4.86 5.38
CA LEU B 175 -22.22 4.51 4.23
C LEU B 175 -21.94 3.10 3.73
N SER B 176 -20.75 2.57 3.99
CA SER B 176 -20.49 1.17 3.65
C SER B 176 -21.33 0.23 4.50
N TYR B 177 -21.55 0.58 5.76
CA TYR B 177 -22.33 -0.28 6.65
C TYR B 177 -23.78 -0.38 6.18
N VAL B 178 -24.44 0.77 5.96
CA VAL B 178 -25.86 0.75 5.63
C VAL B 178 -26.10 -0.01 4.33
N PHE B 179 -25.24 0.19 3.33
CA PHE B 179 -25.45 -0.48 2.05
C PHE B 179 -25.06 -1.96 2.08
N ASN B 180 -24.27 -2.40 3.06
CA ASN B 180 -23.98 -3.81 3.18
C ASN B 180 -25.11 -4.55 3.87
N THR B 181 -25.69 -3.97 4.93
CA THR B 181 -26.81 -4.57 5.64
C THR B 181 -28.16 -4.13 5.09
N LEU B 182 -28.22 -3.75 3.82
CA LEU B 182 -29.48 -3.36 3.17
C LEU B 182 -29.56 -3.80 1.72
N SER B 183 -28.50 -4.35 1.14
CA SER B 183 -28.52 -4.83 -0.24
C SER B 183 -27.61 -6.04 -0.32
N THR B 184 -28.20 -7.22 -0.41
CA THR B 184 -27.44 -8.45 -0.53
C THR B 184 -27.90 -9.24 -1.75
N SER B 185 -27.40 -10.47 -1.90
CA SER B 185 -27.82 -11.34 -2.98
C SER B 185 -29.06 -12.15 -2.64
N GLU B 186 -29.57 -12.04 -1.42
CA GLU B 186 -30.77 -12.75 -1.00
C GLU B 186 -32.03 -11.98 -1.38
N LYS B 187 -32.81 -11.62 -0.37
CA LYS B 187 -34.05 -10.87 -0.55
C LYS B 187 -34.50 -10.32 0.80
N SER B 188 -34.55 -9.00 0.93
CA SER B 188 -34.76 -8.36 2.22
C SER B 188 -35.92 -7.39 2.17
N ASP B 189 -36.71 -7.39 3.24
CA ASP B 189 -37.74 -6.38 3.47
C ASP B 189 -37.29 -5.31 4.47
N LYS B 190 -36.09 -5.47 5.04
CA LYS B 190 -35.49 -4.43 5.86
C LYS B 190 -35.48 -3.12 5.09
N LYS B 191 -36.02 -2.07 5.70
CA LYS B 191 -36.23 -0.81 5.01
C LYS B 191 -35.15 0.20 5.37
N PHE B 192 -35.09 1.27 4.57
CA PHE B 192 -33.96 2.19 4.61
C PHE B 192 -33.86 2.91 5.95
N SER B 193 -34.99 3.19 6.60
CA SER B 193 -34.95 3.94 7.84
C SER B 193 -34.39 3.10 8.99
N ASP B 194 -34.81 1.83 9.08
CA ASP B 194 -34.38 0.98 10.18
C ASP B 194 -32.87 0.80 10.18
N VAL B 195 -32.26 0.71 9.00
CA VAL B 195 -30.81 0.60 8.92
C VAL B 195 -30.16 1.89 9.39
N VAL B 196 -30.69 3.04 8.94
CA VAL B 196 -30.14 4.32 9.37
C VAL B 196 -30.37 4.54 10.86
N LYS B 197 -31.52 4.11 11.37
CA LYS B 197 -31.83 4.31 12.79
C LYS B 197 -30.85 3.58 13.69
N VAL B 198 -30.30 2.45 13.24
CA VAL B 198 -29.25 1.78 13.99
C VAL B 198 -28.03 2.69 14.09
N ALA B 199 -27.45 3.04 12.94
CA ALA B 199 -26.29 3.92 12.90
C ALA B 199 -26.60 5.34 13.36
N LYS B 200 -27.88 5.70 13.47
CA LYS B 200 -28.24 7.04 13.93
C LYS B 200 -27.70 7.29 15.33
N ASP B 201 -27.77 6.28 16.20
CA ASP B 201 -27.29 6.37 17.58
C ASP B 201 -26.42 5.17 17.92
N LEU B 202 -25.55 4.77 17.00
CA LEU B 202 -24.56 3.73 17.24
C LEU B 202 -23.14 4.24 17.01
N GLY B 203 -22.95 5.55 16.93
CA GLY B 203 -21.66 6.13 16.68
C GLY B 203 -21.24 6.15 15.22
N TYR B 204 -21.87 5.36 14.37
CA TYR B 204 -21.51 5.35 12.95
C TYR B 204 -21.89 6.67 12.29
N LEU B 205 -23.13 7.10 12.45
CA LEU B 205 -23.57 8.41 12.00
C LEU B 205 -23.53 9.40 13.16
N GLU B 206 -23.25 10.65 12.84
CA GLU B 206 -23.11 11.69 13.87
C GLU B 206 -24.49 12.11 14.38
N ARG B 207 -24.52 13.21 15.13
CA ARG B 207 -25.78 13.69 15.72
C ARG B 207 -26.82 13.94 14.65
N ASP B 208 -26.45 14.67 13.59
CA ASP B 208 -27.33 14.89 12.46
C ASP B 208 -26.98 13.89 11.38
N PRO B 209 -27.86 12.93 11.07
CA PRO B 209 -27.50 11.91 10.07
C PRO B 209 -27.25 12.48 8.69
N ARG B 210 -27.86 13.62 8.35
CA ARG B 210 -27.68 14.21 7.03
C ARG B 210 -26.23 14.66 6.79
N ASP B 211 -25.43 14.80 7.85
CA ASP B 211 -24.03 15.17 7.68
C ASP B 211 -23.26 14.07 6.96
N ASP B 212 -23.56 12.81 7.28
CA ASP B 212 -22.87 11.68 6.67
C ASP B 212 -23.69 11.01 5.57
N LEU B 213 -24.80 11.63 5.17
CA LEU B 213 -25.64 11.11 4.10
C LEU B 213 -25.59 11.93 2.82
N ASN B 214 -25.14 13.18 2.89
CA ASN B 214 -25.05 14.02 1.69
C ASN B 214 -23.88 13.67 0.80
N GLY B 215 -22.95 12.84 1.27
CA GLY B 215 -21.84 12.40 0.45
C GLY B 215 -20.75 13.43 0.23
N MET B 216 -20.74 14.53 0.99
CA MET B 216 -19.74 15.56 0.77
C MET B 216 -18.36 15.15 1.31
N ASP B 217 -18.32 14.50 2.47
CA ASP B 217 -17.05 13.96 2.95
C ASP B 217 -16.54 12.88 2.01
N PHE B 218 -17.46 12.08 1.47
CA PHE B 218 -17.12 11.13 0.42
C PHE B 218 -16.52 11.85 -0.78
N ALA B 219 -17.16 12.94 -1.22
CA ALA B 219 -16.69 13.69 -2.38
C ALA B 219 -15.34 14.35 -2.12
N ARG B 220 -15.05 14.70 -0.87
CA ARG B 220 -13.74 15.25 -0.55
C ARG B 220 -12.64 14.24 -0.81
N LYS B 221 -12.84 13.00 -0.37
CA LYS B 221 -11.82 11.97 -0.56
C LYS B 221 -11.68 11.59 -2.04
N VAL B 222 -12.78 11.57 -2.78
CA VAL B 222 -12.70 11.28 -4.21
C VAL B 222 -11.92 12.38 -4.92
N THR B 223 -12.13 13.64 -4.52
CA THR B 223 -11.40 14.75 -5.12
C THR B 223 -9.90 14.59 -4.93
N ILE B 224 -9.48 14.11 -3.76
CA ILE B 224 -8.06 13.92 -3.49
C ILE B 224 -7.48 12.85 -4.42
N LEU B 225 -8.13 11.69 -4.50
CA LEU B 225 -7.65 10.61 -5.36
C LEU B 225 -7.62 11.03 -6.82
N ALA B 226 -8.63 11.77 -7.26
CA ALA B 226 -8.67 12.21 -8.65
C ALA B 226 -7.51 13.15 -8.97
N ARG B 227 -7.21 14.08 -8.07
CA ARG B 227 -6.14 15.04 -8.32
C ARG B 227 -4.77 14.35 -8.30
N ILE B 228 -4.59 13.36 -7.43
CA ILE B 228 -3.34 12.58 -7.43
C ILE B 228 -3.11 11.94 -8.79
N ALA B 229 -4.14 11.28 -9.32
CA ALA B 229 -4.02 10.48 -10.53
C ALA B 229 -3.97 11.31 -11.81
N GLY B 230 -4.27 12.61 -11.74
CA GLY B 230 -4.24 13.47 -12.91
C GLY B 230 -5.58 14.00 -13.36
N PHE B 231 -6.67 13.67 -12.68
CA PHE B 231 -7.98 14.23 -12.97
C PHE B 231 -8.13 15.48 -12.12
N GLU B 232 -7.67 16.61 -12.64
CA GLU B 232 -7.65 17.85 -11.88
C GLU B 232 -9.06 18.40 -11.69
N VAL B 233 -9.69 18.01 -10.59
CA VAL B 233 -11.05 18.45 -10.28
C VAL B 233 -10.99 19.83 -9.64
N GLU B 234 -11.92 20.71 -10.04
CA GLU B 234 -11.93 22.08 -9.51
C GLU B 234 -12.29 22.11 -8.04
N SER B 235 -13.30 21.33 -7.64
CA SER B 235 -13.76 21.30 -6.26
C SER B 235 -14.71 20.11 -6.11
N PRO B 236 -14.98 19.67 -4.86
CA PRO B 236 -15.96 18.60 -4.67
C PRO B 236 -17.36 18.96 -5.12
N ASN B 237 -17.63 20.22 -5.47
CA ASN B 237 -18.91 20.66 -6.00
C ASN B 237 -18.88 20.84 -7.51
N SER B 238 -17.85 20.33 -8.18
CA SER B 238 -17.73 20.44 -9.62
C SER B 238 -18.28 19.23 -10.37
N PHE B 239 -18.56 18.12 -9.66
CA PHE B 239 -19.07 16.91 -10.27
C PHE B 239 -20.32 16.46 -9.52
N ALA B 240 -20.97 15.43 -10.06
CA ALA B 240 -22.23 14.97 -9.51
C ALA B 240 -22.02 14.24 -8.19
N VAL B 241 -22.75 14.65 -7.16
CA VAL B 241 -22.75 14.02 -5.86
C VAL B 241 -24.20 13.76 -5.50
N ASP B 242 -24.63 12.49 -5.62
CA ASP B 242 -26.02 12.12 -5.37
C ASP B 242 -26.22 12.01 -3.86
N SER B 243 -26.70 13.09 -3.26
CA SER B 243 -26.99 13.08 -1.84
C SER B 243 -28.12 12.10 -1.53
N LEU B 244 -27.94 11.31 -0.47
CA LEU B 244 -28.97 10.38 -0.04
C LEU B 244 -30.13 11.07 0.67
N VAL B 245 -29.98 12.35 1.04
CA VAL B 245 -31.04 13.09 1.70
C VAL B 245 -32.02 13.58 0.65
N PRO B 246 -33.30 13.21 0.74
CA PRO B 246 -34.29 13.74 -0.20
C PRO B 246 -34.40 15.25 -0.10
N GLN B 247 -34.63 15.89 -1.25
CA GLN B 247 -34.65 17.36 -1.30
C GLN B 247 -35.68 17.98 -0.37
N PRO B 248 -36.94 17.52 -0.32
CA PRO B 248 -37.89 18.13 0.63
C PRO B 248 -37.49 17.96 2.08
N LEU B 249 -36.62 16.99 2.39
CA LEU B 249 -36.18 16.77 3.76
C LEU B 249 -34.96 17.60 4.13
N GLU B 250 -34.27 18.20 3.15
CA GLU B 250 -33.12 19.02 3.46
C GLU B 250 -33.51 20.31 4.18
N SER B 251 -34.72 20.81 3.93
CA SER B 251 -35.14 22.08 4.51
C SER B 251 -35.35 22.00 6.02
N LEU B 252 -35.60 20.81 6.57
CA LEU B 252 -35.80 20.68 8.00
C LEU B 252 -34.52 21.01 8.76
N ALA B 253 -34.70 21.51 9.98
CA ALA B 253 -33.57 21.95 10.80
C ALA B 253 -33.12 20.93 11.82
N THR B 254 -33.92 19.90 12.09
CA THR B 254 -33.61 18.90 13.11
C THR B 254 -33.38 17.54 12.45
N GLY B 255 -32.33 16.85 12.89
CA GLY B 255 -32.06 15.52 12.37
C GLY B 255 -33.09 14.50 12.79
N ALA B 256 -33.73 14.69 13.94
CA ALA B 256 -34.79 13.79 14.37
C ALA B 256 -36.04 13.99 13.53
N GLU B 257 -36.35 15.24 13.17
CA GLU B 257 -37.51 15.51 12.32
C GLU B 257 -37.29 14.99 10.90
N PHE B 258 -36.05 15.01 10.41
CA PHE B 258 -35.77 14.46 9.09
C PHE B 258 -35.91 12.94 9.09
N LEU B 259 -35.41 12.28 10.14
CA LEU B 259 -35.46 10.82 10.19
C LEU B 259 -36.89 10.29 10.24
N GLU B 260 -37.79 11.04 10.87
CA GLU B 260 -39.16 10.57 11.02
C GLU B 260 -39.96 10.69 9.73
N LYS B 261 -39.59 11.63 8.85
CA LYS B 261 -40.22 11.75 7.53
C LYS B 261 -39.42 11.05 6.45
N LEU B 262 -38.28 10.47 6.78
CA LEU B 262 -37.56 9.62 5.83
C LEU B 262 -38.35 8.38 5.41
N PRO B 263 -39.12 7.71 6.27
CA PRO B 263 -39.89 6.54 5.81
C PRO B 263 -40.88 6.84 4.68
N GLU B 264 -41.12 8.11 4.36
CA GLU B 264 -41.87 8.41 3.15
C GLU B 264 -41.17 7.85 1.92
N TYR B 265 -39.84 7.91 1.91
CA TYR B 265 -39.02 7.38 0.82
C TYR B 265 -38.50 5.98 1.11
N ASP B 266 -38.89 5.37 2.24
CA ASP B 266 -38.49 4.01 2.53
C ASP B 266 -38.96 3.05 1.45
N ASN B 267 -40.18 3.25 0.95
CA ASN B 267 -40.69 2.42 -0.13
C ASN B 267 -40.05 2.77 -1.47
N ASP B 268 -39.57 4.01 -1.63
CA ASP B 268 -38.89 4.38 -2.87
C ASP B 268 -37.52 3.73 -2.96
N PHE B 269 -36.77 3.71 -1.85
CA PHE B 269 -35.53 2.95 -1.82
C PHE B 269 -35.80 1.45 -1.88
N GLN B 270 -36.89 1.01 -1.26
CA GLN B 270 -37.31 -0.39 -1.39
C GLN B 270 -37.54 -0.75 -2.85
N LYS B 271 -38.18 0.16 -3.61
CA LYS B 271 -38.33 -0.05 -5.04
C LYS B 271 -36.97 -0.08 -5.73
N ARG B 272 -36.07 0.83 -5.35
CA ARG B 272 -34.73 0.84 -5.91
C ARG B 272 -33.99 -0.45 -5.57
N LYS B 273 -34.09 -0.89 -4.32
CA LYS B 273 -33.37 -2.07 -3.86
C LYS B 273 -33.92 -3.33 -4.49
N ASP B 274 -35.23 -3.55 -4.38
CA ASP B 274 -35.82 -4.81 -4.82
C ASP B 274 -35.72 -4.98 -6.34
N ASP B 275 -35.73 -3.87 -7.08
CA ASP B 275 -35.63 -3.97 -8.54
C ASP B 275 -34.22 -4.36 -8.97
N ALA B 276 -33.21 -3.74 -8.38
CA ALA B 276 -31.83 -4.06 -8.74
C ALA B 276 -31.51 -5.53 -8.47
N LEU B 277 -32.22 -6.14 -7.50
CA LEU B 277 -32.01 -7.55 -7.21
C LEU B 277 -32.47 -8.43 -8.37
N ALA B 278 -33.57 -8.05 -9.03
CA ALA B 278 -34.04 -8.83 -10.17
C ALA B 278 -33.03 -8.81 -11.32
N GLU B 279 -32.23 -7.75 -11.41
CA GLU B 279 -31.13 -7.64 -12.36
C GLU B 279 -29.87 -8.38 -11.88
N ASN B 280 -29.95 -9.05 -10.73
CA ASN B 280 -28.80 -9.70 -10.11
C ASN B 280 -27.72 -8.67 -9.76
N LYS B 281 -28.16 -7.54 -9.20
CA LYS B 281 -27.25 -6.46 -8.86
C LYS B 281 -27.45 -6.05 -7.40
N VAL B 282 -26.35 -5.58 -6.80
CA VAL B 282 -26.35 -5.07 -5.44
C VAL B 282 -26.12 -3.57 -5.49
N LEU B 283 -26.82 -2.83 -4.64
CA LEU B 283 -26.69 -1.39 -4.58
C LEU B 283 -25.55 -1.00 -3.65
N ARG B 284 -24.63 -0.17 -4.16
CA ARG B 284 -23.51 0.35 -3.39
C ARG B 284 -23.37 1.84 -3.66
N TYR B 285 -22.97 2.58 -2.62
CA TYR B 285 -22.74 4.02 -2.72
C TYR B 285 -21.24 4.20 -2.94
N VAL B 286 -20.86 4.53 -4.17
CA VAL B 286 -19.46 4.55 -4.56
C VAL B 286 -19.09 5.92 -5.11
N GLY B 287 -17.78 6.17 -5.16
CA GLY B 287 -17.22 7.31 -5.87
C GLY B 287 -16.39 6.80 -7.03
N GLN B 288 -16.52 7.45 -8.18
CA GLN B 288 -15.88 6.98 -9.39
C GLN B 288 -15.06 8.09 -10.03
N VAL B 289 -13.87 7.72 -10.52
CA VAL B 289 -13.02 8.60 -11.31
C VAL B 289 -12.79 7.88 -12.63
N ASP B 290 -13.55 8.24 -13.66
CA ASP B 290 -13.55 7.57 -14.95
C ASP B 290 -12.82 8.46 -15.95
N PHE B 291 -11.59 8.10 -16.29
CA PHE B 291 -10.81 8.92 -17.23
C PHE B 291 -11.31 8.76 -18.66
N LYS B 292 -11.77 7.58 -19.04
CA LYS B 292 -12.28 7.38 -20.40
C LYS B 292 -13.52 8.22 -20.64
N ALA B 293 -14.46 8.21 -19.69
CA ALA B 293 -15.66 9.03 -19.79
C ALA B 293 -15.43 10.47 -19.34
N ASN B 294 -14.26 10.77 -18.77
CA ASN B 294 -13.92 12.12 -18.30
C ASN B 294 -14.96 12.64 -17.32
N LYS B 295 -15.31 11.80 -16.35
CA LYS B 295 -16.37 12.13 -15.40
C LYS B 295 -15.99 11.62 -14.00
N VAL B 296 -16.31 12.45 -13.00
CA VAL B 296 -16.21 12.07 -11.60
C VAL B 296 -17.62 12.09 -11.03
N SER B 297 -17.94 11.11 -10.18
CA SER B 297 -19.28 11.04 -9.62
C SER B 297 -19.25 10.35 -8.26
N VAL B 298 -20.25 10.67 -7.46
CA VAL B 298 -20.46 10.05 -6.15
C VAL B 298 -21.94 9.76 -6.01
N GLY B 299 -22.30 8.48 -5.88
CA GLY B 299 -23.69 8.13 -5.74
C GLY B 299 -23.89 6.64 -5.72
N ILE B 300 -25.13 6.23 -6.00
CA ILE B 300 -25.50 4.82 -5.97
C ILE B 300 -25.18 4.19 -7.31
N ALA B 301 -24.73 2.93 -7.28
CA ALA B 301 -24.40 2.20 -8.48
C ALA B 301 -24.68 0.72 -8.26
N LYS B 302 -25.03 0.03 -9.34
CA LYS B 302 -25.36 -1.39 -9.29
C LYS B 302 -24.12 -2.22 -9.57
N TYR B 303 -23.84 -3.19 -8.70
CA TYR B 303 -22.68 -4.05 -8.82
C TYR B 303 -23.10 -5.51 -8.79
N ASP B 304 -22.30 -6.35 -9.43
CA ASP B 304 -22.61 -7.76 -9.56
C ASP B 304 -22.35 -8.50 -8.25
N PHE B 305 -22.89 -9.72 -8.16
CA PHE B 305 -22.72 -10.53 -6.96
C PHE B 305 -21.28 -10.96 -6.76
N ASP B 306 -20.55 -11.23 -7.85
CA ASP B 306 -19.16 -11.63 -7.75
C ASP B 306 -18.19 -10.46 -7.64
N HIS B 307 -18.67 -9.23 -7.79
CA HIS B 307 -17.80 -8.07 -7.68
C HIS B 307 -17.27 -7.97 -6.25
N PRO B 308 -16.03 -7.52 -6.05
CA PRO B 308 -15.51 -7.43 -4.67
C PRO B 308 -16.33 -6.52 -3.77
N PHE B 309 -17.04 -5.54 -4.33
CA PHE B 309 -17.85 -4.65 -3.51
C PHE B 309 -19.09 -5.32 -2.94
N ALA B 310 -19.42 -6.53 -3.41
CA ALA B 310 -20.62 -7.21 -2.98
C ALA B 310 -20.47 -7.94 -1.65
N SER B 311 -19.24 -8.13 -1.17
CA SER B 311 -18.99 -8.81 0.11
C SER B 311 -17.97 -7.98 0.91
N LEU B 312 -18.45 -6.92 1.53
CA LEU B 312 -17.63 -6.09 2.40
C LEU B 312 -17.94 -6.40 3.85
N LYS B 313 -16.90 -6.42 4.68
CA LYS B 313 -17.03 -6.76 6.10
C LYS B 313 -17.50 -5.53 6.87
N GLY B 314 -18.82 -5.35 6.93
CA GLY B 314 -19.41 -4.29 7.73
C GLY B 314 -19.11 -2.89 7.21
N SER B 315 -18.19 -2.19 7.87
CA SER B 315 -17.84 -0.82 7.53
C SER B 315 -16.48 -0.71 6.86
N ASP B 316 -15.99 -1.79 6.26
CA ASP B 316 -14.68 -1.77 5.61
C ASP B 316 -14.71 -0.89 4.37
N ASN B 317 -13.72 -0.01 4.25
CA ASN B 317 -13.52 0.74 3.03
C ASN B 317 -12.83 -0.12 1.98
N VAL B 318 -12.91 0.32 0.73
CA VAL B 318 -12.27 -0.39 -0.37
C VAL B 318 -12.03 0.60 -1.50
N VAL B 319 -10.90 0.44 -2.19
CA VAL B 319 -10.55 1.27 -3.33
C VAL B 319 -9.98 0.37 -4.42
N SER B 320 -10.39 0.63 -5.66
CA SER B 320 -9.95 -0.13 -6.82
C SER B 320 -9.30 0.82 -7.82
N ILE B 321 -8.08 0.50 -8.22
CA ILE B 321 -7.30 1.36 -9.11
C ILE B 321 -6.93 0.54 -10.35
N LYS B 322 -7.57 0.86 -11.47
CA LYS B 322 -7.28 0.22 -12.75
C LYS B 322 -6.38 1.14 -13.56
N THR B 323 -5.25 0.61 -14.02
CA THR B 323 -4.24 1.39 -14.72
C THR B 323 -3.81 0.65 -16.00
N GLU B 324 -2.88 1.27 -16.74
CA GLU B 324 -2.30 0.61 -17.89
C GLU B 324 -1.53 -0.64 -17.49
N ARG B 325 -0.77 -0.57 -16.40
CA ARG B 325 -0.02 -1.72 -15.92
C ARG B 325 -0.87 -2.70 -15.12
N TYR B 326 -2.03 -2.27 -14.63
CA TYR B 326 -2.95 -3.13 -13.88
C TYR B 326 -4.27 -3.18 -14.63
N PRO B 327 -4.36 -3.97 -15.71
CA PRO B 327 -5.68 -4.20 -16.33
C PRO B 327 -6.66 -4.81 -15.35
N ASN B 328 -6.23 -5.79 -14.57
CA ASN B 328 -6.96 -6.19 -13.38
C ASN B 328 -6.57 -5.26 -12.24
N PRO B 329 -7.51 -4.52 -11.66
CA PRO B 329 -7.13 -3.37 -10.84
C PRO B 329 -6.49 -3.76 -9.53
N LEU B 330 -5.63 -2.87 -9.04
CA LEU B 330 -5.14 -2.95 -7.67
C LEU B 330 -6.28 -2.63 -6.71
N ILE B 331 -6.54 -3.54 -5.77
CA ILE B 331 -7.65 -3.42 -4.84
C ILE B 331 -7.09 -3.45 -3.42
N ILE B 332 -7.48 -2.46 -2.61
CA ILE B 332 -7.02 -2.32 -1.24
C ILE B 332 -8.24 -2.07 -0.38
N GLN B 333 -8.44 -2.90 0.64
CA GLN B 333 -9.61 -2.78 1.50
C GLN B 333 -9.20 -3.01 2.95
N GLY B 334 -10.05 -2.53 3.85
CA GLY B 334 -9.79 -2.59 5.27
C GLY B 334 -10.48 -1.44 5.97
N ALA B 335 -10.15 -1.27 7.24
CA ALA B 335 -10.77 -0.22 8.05
C ALA B 335 -10.30 1.15 7.55
N GLY B 336 -11.26 2.01 7.21
CA GLY B 336 -10.99 3.34 6.72
C GLY B 336 -11.18 4.45 7.73
N ALA B 337 -11.45 4.12 8.99
CA ALA B 337 -11.65 5.12 10.03
C ALA B 337 -11.28 4.51 11.37
N GLY B 338 -11.17 5.37 12.39
CA GLY B 338 -10.76 4.93 13.70
C GLY B 338 -9.56 5.71 14.20
N ALA B 339 -9.53 5.99 15.50
CA ALA B 339 -8.47 6.85 16.04
C ALA B 339 -7.10 6.20 15.93
N GLU B 340 -6.99 4.91 16.24
CA GLU B 340 -5.68 4.26 16.23
C GLU B 340 -5.16 4.08 14.81
N VAL B 341 -6.02 3.74 13.86
CA VAL B 341 -5.55 3.53 12.49
C VAL B 341 -5.31 4.85 11.79
N THR B 342 -6.07 5.90 12.14
CA THR B 342 -5.77 7.22 11.60
C THR B 342 -4.45 7.75 12.16
N ALA B 343 -4.23 7.59 13.46
CA ALA B 343 -2.98 8.02 14.07
C ALA B 343 -1.79 7.27 13.48
N HIS B 344 -1.97 5.98 13.17
CA HIS B 344 -0.90 5.22 12.53
C HIS B 344 -0.56 5.80 11.16
N GLY B 345 -1.58 6.19 10.40
CA GLY B 345 -1.32 6.79 9.10
C GLY B 345 -0.57 8.10 9.20
N VAL B 346 -0.85 8.89 10.23
CA VAL B 346 -0.14 10.14 10.42
C VAL B 346 1.29 9.87 10.89
N LEU B 347 1.47 8.89 11.78
CA LEU B 347 2.79 8.61 12.32
C LEU B 347 3.71 8.01 11.25
N ALA B 348 3.19 7.11 10.41
CA ALA B 348 3.99 6.55 9.34
C ALA B 348 4.44 7.62 8.36
N ASP B 349 3.55 8.56 8.03
CA ASP B 349 3.93 9.70 7.20
C ASP B 349 5.02 10.53 7.88
N ALA B 350 4.84 10.80 9.18
CA ALA B 350 5.83 11.60 9.90
C ALA B 350 7.19 10.93 9.91
N ILE B 351 7.21 9.60 10.03
CA ILE B 351 8.48 8.87 9.97
C ILE B 351 9.10 9.00 8.59
N LYS B 352 8.28 8.91 7.54
CA LYS B 352 8.80 9.04 6.18
C LYS B 352 9.35 10.44 5.94
N ILE B 353 8.71 11.46 6.51
CA ILE B 353 9.23 12.82 6.39
C ILE B 353 10.55 12.95 7.14
N ALA B 354 10.61 12.45 8.37
CA ALA B 354 11.82 12.56 9.17
C ALA B 354 12.98 11.83 8.52
N GLU B 355 12.71 10.71 7.84
CA GLU B 355 13.76 10.02 7.11
C GLU B 355 14.39 10.87 6.02
N ARG B 356 13.67 11.88 5.53
CA ARG B 356 14.14 12.68 4.40
C ARG B 356 14.73 14.03 4.81
N ILE B 357 14.40 14.56 5.98
CA ILE B 357 14.80 15.91 6.36
C ILE B 357 15.67 15.96 7.60
N ALA B 358 15.75 14.88 8.40
CA ALA B 358 16.46 14.95 9.67
C ALA B 358 17.96 15.08 9.47
N ASN B 359 18.63 15.69 10.44
CA ASN B 359 20.08 15.75 10.48
C ASN B 359 20.58 15.90 11.92
#